data_9DBQ
#
_entry.id   9DBQ
#
_cell.length_a   1.00
_cell.length_b   1.00
_cell.length_c   1.00
_cell.angle_alpha   90.00
_cell.angle_beta   90.00
_cell.angle_gamma   90.00
#
_symmetry.space_group_name_H-M   'P 1'
#
loop_
_entity.id
_entity.type
_entity.pdbx_description
1 polymer 'ATP-binding cassette sub-family B member 6'
2 non-polymer 'CHOLESTEROL HEMISUCCINATE'
#
_entity_poly.entity_id   1
_entity_poly.type   'polypeptide(L)'
_entity_poly.pdbx_seq_one_letter_code
;MVTVGNYCEAEGPVGPAWMQDGLSPCFFFTLVPSTRMALGTLALVLALPCRRRERPAGADSLSWGAGPRISPYVLQLLLA
TLQAALPLAGLAGRVGTARGAPLPSYLLLASVLESLAGACGLWLLVVERSQARQRLAMGIWIKFRHSPGLLLLWTVAFAA
ENLALVSWNSPQWWWARADLGQQVQFSLWVLRYVVSGGLFVLGLWAPGLRPQSYTLQVHEEDQDVERSQVRSAAQQSTWR
DFGRKLRLLSGYLWPRGSPALQLVVLICLGLMGLERALNVLVPIFYRNIVNLLTEKAPWNSLAWTVTSYVFLKFLQGGGT
GSTGFVSNLRTFLWIRVQQFTSRRVELLIFSHLHELSLRWHLGRRTGEVLRIADRGTSSVTGLLSYLVFNVIPTLADIII
GIIYFSMFFNAWFGLIVFLCMSLYLTLTIVVTEWRTKFRRAMNTQENATRARAVDSLLNFETVKYYNAESYEVERYREAI
IKYQGLEWKSSASLVLLNQTQNLVIGLGLLAGSLLCAYFVTEQKLQVGDYVLFGTYIIQLYMPLNWFGTYYRMIQTNFID
MENMFDLLKEETEVKDLPGAGPLRFQKGRIEFENVHFSYADGRETLQDVSFTVMPGQTLALVGPSGAGKSTILRLLFRFY
DISSGCIRIDGQDISQVTQASLRSHIGVVPQDTVLFNDTIADNIRYGRVTAGNDEVEAAAQAAGIHDAIMAFPEGYRTQV
GERGLKLSGGEKQRVAIARTILKAPGIILLDEATSALDTSNERAIQASLAKVCANRTTIVVAHRLSTVVNADQILVIKDG
CIVERGRHEALLSRGGVYADMWQLQQGQEETSEDTKPQTMERDYKDDDDK
;
_entity_poly.pdbx_strand_id   A,B
#
# COMPACT_ATOMS: atom_id res chain seq x y z
N SER A 237 34.77 15.02 -9.92
CA SER A 237 33.86 14.15 -10.70
C SER A 237 32.48 14.09 -10.07
N THR A 238 32.32 13.23 -9.05
CA THR A 238 31.04 13.13 -8.37
C THR A 238 30.70 14.42 -7.63
N TRP A 239 31.73 15.15 -7.16
CA TRP A 239 31.47 16.43 -6.50
C TRP A 239 30.98 17.46 -7.49
N ARG A 240 31.52 17.44 -8.72
CA ARG A 240 31.04 18.32 -9.76
C ARG A 240 29.58 18.03 -10.10
N ASP A 241 29.21 16.74 -10.16
CA ASP A 241 27.82 16.38 -10.39
C ASP A 241 26.93 16.85 -9.25
N PHE A 242 27.41 16.72 -8.00
CA PHE A 242 26.66 17.22 -6.87
C PHE A 242 26.46 18.73 -6.97
N GLY A 243 27.51 19.45 -7.39
CA GLY A 243 27.37 20.89 -7.56
C GLY A 243 26.34 21.24 -8.62
N ARG A 244 26.32 20.48 -9.72
CA ARG A 244 25.31 20.70 -10.75
C ARG A 244 23.91 20.43 -10.21
N LYS A 245 23.76 19.36 -9.41
CA LYS A 245 22.48 19.08 -8.79
C LYS A 245 22.05 20.22 -7.88
N LEU A 246 22.99 20.76 -7.10
CA LEU A 246 22.67 21.91 -6.26
C LEU A 246 22.27 23.11 -7.10
N ARG A 247 22.96 23.32 -8.22
CA ARG A 247 22.59 24.42 -9.12
C ARG A 247 21.17 24.23 -9.64
N LEU A 248 20.82 23.00 -10.04
CA LEU A 248 19.48 22.74 -10.53
C LEU A 248 18.44 22.97 -9.46
N LEU A 249 18.73 22.55 -8.22
CA LEU A 249 17.81 22.84 -7.12
C LEU A 249 17.68 24.35 -6.91
N SER A 250 18.79 25.08 -6.99
CA SER A 250 18.73 26.53 -6.85
C SER A 250 17.87 27.14 -7.95
N GLY A 251 18.00 26.64 -9.18
CA GLY A 251 17.16 27.12 -10.26
C GLY A 251 15.69 26.80 -10.03
N TYR A 252 15.41 25.64 -9.44
CA TYR A 252 14.03 25.29 -9.11
C TYR A 252 13.48 26.17 -7.99
N LEU A 253 14.33 26.59 -7.06
CA LEU A 253 13.86 27.35 -5.91
C LEU A 253 13.31 28.70 -6.31
N TRP A 254 14.05 29.47 -7.10
CA TRP A 254 13.69 30.85 -7.36
C TRP A 254 12.57 30.93 -8.39
N PRO A 255 11.44 31.55 -8.07
CA PRO A 255 10.40 31.76 -9.08
C PRO A 255 10.89 32.72 -10.16
N ARG A 256 10.94 32.23 -11.40
CA ARG A 256 11.48 33.03 -12.49
C ARG A 256 10.51 34.11 -12.95
N GLY A 257 9.21 33.80 -12.96
CA GLY A 257 8.24 34.73 -13.52
C GLY A 257 7.50 35.57 -12.50
N SER A 258 7.00 34.95 -11.45
CA SER A 258 6.12 35.65 -10.52
C SER A 258 6.91 36.69 -9.73
N PRO A 259 6.49 37.96 -9.70
CA PRO A 259 7.22 38.95 -8.91
C PRO A 259 6.84 38.95 -7.44
N ALA A 260 5.65 38.47 -7.08
CA ALA A 260 5.25 38.46 -5.68
C ALA A 260 5.93 37.36 -4.89
N LEU A 261 6.18 36.20 -5.50
CA LEU A 261 6.80 35.10 -4.78
C LEU A 261 8.27 35.40 -4.46
N GLN A 262 8.93 36.21 -5.29
CA GLN A 262 10.28 36.64 -4.96
C GLN A 262 10.29 37.44 -3.67
N LEU A 263 9.31 38.34 -3.50
CA LEU A 263 9.17 39.07 -2.26
C LEU A 263 8.83 38.14 -1.11
N VAL A 264 8.05 37.08 -1.38
CA VAL A 264 7.66 36.16 -0.32
C VAL A 264 8.88 35.42 0.22
N VAL A 265 9.74 34.91 -0.67
CA VAL A 265 10.91 34.18 -0.21
C VAL A 265 11.89 35.12 0.48
N LEU A 266 12.01 36.36 0.00
CA LEU A 266 12.87 37.32 0.66
C LEU A 266 12.38 37.61 2.07
N ILE A 267 11.07 37.74 2.24
CA ILE A 267 10.50 37.92 3.58
C ILE A 267 10.75 36.68 4.42
N CYS A 268 10.65 35.49 3.81
CA CYS A 268 10.87 34.26 4.55
C CYS A 268 12.29 34.18 5.10
N LEU A 269 13.28 34.55 4.29
CA LEU A 269 14.66 34.54 4.76
C LEU A 269 14.85 35.53 5.90
N GLY A 270 14.24 36.72 5.79
CA GLY A 270 14.30 37.67 6.89
C GLY A 270 13.72 37.12 8.16
N LEU A 271 12.60 36.39 8.06
CA LEU A 271 12.00 35.78 9.23
C LEU A 271 12.92 34.73 9.84
N MET A 272 13.65 33.99 8.99
CA MET A 272 14.60 33.01 9.51
C MET A 272 15.70 33.69 10.32
N GLY A 273 16.25 34.79 9.80
CA GLY A 273 17.26 35.50 10.55
C GLY A 273 16.72 36.09 11.85
N LEU A 274 15.50 36.61 11.81
CA LEU A 274 14.88 37.12 13.03
C LEU A 274 14.70 36.01 14.06
N GLU A 275 14.32 34.82 13.61
CA GLU A 275 14.14 33.71 14.54
C GLU A 275 15.46 33.30 15.19
N ARG A 276 16.56 33.42 14.46
CA ARG A 276 17.87 33.19 15.06
C ARG A 276 18.17 34.21 16.14
N ALA A 277 17.84 35.48 15.90
CA ALA A 277 18.05 36.52 16.91
C ALA A 277 17.21 36.27 18.15
N LEU A 278 15.97 35.82 17.96
CA LEU A 278 15.11 35.54 19.11
C LEU A 278 15.71 34.44 19.99
N ASN A 279 16.25 33.40 19.36
CA ASN A 279 16.77 32.26 20.13
C ASN A 279 17.93 32.69 21.02
N VAL A 280 18.75 33.63 20.56
CA VAL A 280 19.90 34.06 21.35
C VAL A 280 19.53 35.18 22.32
N LEU A 281 18.38 35.83 22.13
CA LEU A 281 17.98 36.96 22.97
C LEU A 281 17.15 36.56 24.17
N VAL A 282 16.41 35.45 24.08
CA VAL A 282 15.53 35.07 25.17
C VAL A 282 16.30 34.82 26.46
N PRO A 283 17.35 33.99 26.50
CA PRO A 283 18.04 33.76 27.78
C PRO A 283 18.64 35.01 28.38
N ILE A 284 19.07 35.98 27.57
CA ILE A 284 19.62 37.21 28.12
C ILE A 284 18.57 37.93 28.94
N PHE A 285 17.32 37.94 28.46
CA PHE A 285 16.25 38.57 29.23
C PHE A 285 15.92 37.76 30.48
N TYR A 286 15.99 36.44 30.40
CA TYR A 286 15.77 35.62 31.58
C TYR A 286 16.84 35.88 32.63
N ARG A 287 18.09 36.04 32.20
CA ARG A 287 19.15 36.43 33.12
C ARG A 287 18.87 37.79 33.74
N ASN A 288 18.38 38.73 32.93
CA ASN A 288 18.10 40.06 33.44
C ASN A 288 17.04 40.03 34.52
N ILE A 289 15.98 39.22 34.32
CA ILE A 289 14.92 39.12 35.32
C ILE A 289 15.47 38.59 36.63
N VAL A 290 16.25 37.51 36.57
CA VAL A 290 16.77 36.89 37.78
C VAL A 290 17.73 37.84 38.50
N ASN A 291 18.59 38.53 37.74
CA ASN A 291 19.50 39.48 38.38
C ASN A 291 18.75 40.64 39.02
N LEU A 292 17.58 40.99 38.49
CA LEU A 292 16.79 42.06 39.12
C LEU A 292 16.10 41.56 40.39
N LEU A 293 15.66 40.30 40.39
CA LEU A 293 15.04 39.75 41.60
C LEU A 293 16.07 39.57 42.71
N THR A 294 17.28 39.12 42.37
CA THR A 294 18.28 38.85 43.40
C THR A 294 18.65 40.11 44.16
N GLU A 295 18.55 41.27 43.52
CA GLU A 295 18.66 42.55 44.18
C GLU A 295 17.27 43.13 44.37
N LYS A 296 17.18 44.26 45.06
CA LYS A 296 15.90 44.84 45.44
C LYS A 296 15.43 45.87 44.40
N ALA A 297 15.19 45.37 43.19
CA ALA A 297 14.72 46.24 42.12
C ALA A 297 13.25 46.59 42.35
N PRO A 298 12.84 47.82 42.03
CA PRO A 298 11.45 48.20 42.23
C PRO A 298 10.50 47.46 41.28
N TRP A 299 9.22 47.49 41.65
CA TRP A 299 8.20 46.83 40.84
C TRP A 299 7.99 47.53 39.49
N ASN A 300 8.38 48.81 39.39
CA ASN A 300 8.10 49.55 38.15
C ASN A 300 8.89 48.99 36.98
N SER A 301 10.20 48.83 37.13
CA SER A 301 11.01 48.30 36.04
C SER A 301 10.88 46.79 35.92
N LEU A 302 10.60 46.11 37.02
CA LEU A 302 10.45 44.66 36.98
C LEU A 302 9.24 44.24 36.15
N ALA A 303 8.15 45.01 36.23
CA ALA A 303 6.95 44.65 35.49
C ALA A 303 7.17 44.67 33.99
N TRP A 304 7.85 45.72 33.49
CA TRP A 304 8.09 45.82 32.05
C TRP A 304 9.10 44.78 31.59
N THR A 305 10.09 44.45 32.43
CA THR A 305 11.06 43.44 32.06
C THR A 305 10.42 42.06 31.95
N VAL A 306 9.51 41.73 32.88
CA VAL A 306 8.85 40.43 32.84
C VAL A 306 7.95 40.33 31.62
N THR A 307 7.16 41.37 31.36
CA THR A 307 6.27 41.35 30.20
C THR A 307 7.05 41.28 28.90
N SER A 308 8.15 42.03 28.81
CA SER A 308 8.97 41.98 27.62
C SER A 308 9.52 40.58 27.38
N TYR A 309 9.99 39.92 28.43
CA TYR A 309 10.53 38.58 28.29
C TYR A 309 9.47 37.61 27.81
N VAL A 310 8.26 37.68 28.37
CA VAL A 310 7.21 36.74 28.00
C VAL A 310 6.77 36.99 26.56
N PHE A 311 6.67 38.25 26.16
CA PHE A 311 6.37 38.55 24.77
C PHE A 311 7.47 38.00 23.86
N LEU A 312 8.72 38.16 24.27
CA LEU A 312 9.84 37.62 23.50
C LEU A 312 9.76 36.10 23.44
N LYS A 313 9.41 35.46 24.56
CA LYS A 313 9.25 34.00 24.56
C LYS A 313 8.09 33.58 23.67
N PHE A 314 7.02 34.36 23.64
CA PHE A 314 5.88 34.03 22.79
C PHE A 314 6.27 34.04 21.32
N LEU A 315 7.08 35.02 20.89
CA LEU A 315 7.57 35.03 19.52
C LEU A 315 8.47 33.83 19.23
N GLN A 316 9.36 33.49 20.16
CA GLN A 316 10.26 32.36 19.95
C GLN A 316 9.50 31.05 19.99
N GLY A 317 8.64 30.87 20.99
CA GLY A 317 7.87 29.65 21.13
C GLY A 317 8.59 28.50 21.80
N GLY A 318 9.76 28.74 22.37
CA GLY A 318 10.48 27.66 23.04
C GLY A 318 11.08 26.69 22.05
N GLY A 319 11.41 25.50 22.55
CA GLY A 319 12.07 24.50 21.73
C GLY A 319 11.09 23.72 20.87
N THR A 320 11.34 22.42 20.73
CA THR A 320 10.48 21.58 19.92
C THR A 320 9.09 21.48 20.54
N GLY A 321 8.06 21.66 19.72
CA GLY A 321 6.70 21.67 20.21
C GLY A 321 6.24 23.06 20.58
N SER A 322 4.99 23.39 20.27
CA SER A 322 4.45 24.72 20.52
C SER A 322 5.31 25.78 19.83
N THR A 323 5.36 25.71 18.51
CA THR A 323 6.20 26.59 17.73
C THR A 323 5.74 28.04 17.87
N GLY A 324 6.70 28.96 17.73
CA GLY A 324 6.45 30.36 17.97
C GLY A 324 5.71 31.04 16.83
N PHE A 325 5.44 32.33 17.04
CA PHE A 325 4.73 33.10 16.03
C PHE A 325 5.54 33.22 14.75
N VAL A 326 6.85 33.47 14.87
CA VAL A 326 7.67 33.69 13.68
C VAL A 326 7.75 32.41 12.85
N SER A 327 7.97 31.26 13.50
CA SER A 327 8.07 30.02 12.75
C SER A 327 6.75 29.67 12.07
N ASN A 328 5.63 29.89 12.76
CA ASN A 328 4.33 29.60 12.15
C ASN A 328 4.06 30.53 10.99
N LEU A 329 4.41 31.81 11.11
CA LEU A 329 4.22 32.73 10.00
C LEU A 329 5.10 32.35 8.82
N ARG A 330 6.34 31.93 9.10
CA ARG A 330 7.22 31.51 8.01
C ARG A 330 6.68 30.27 7.31
N THR A 331 6.15 29.31 8.08
CA THR A 331 5.57 28.12 7.46
C THR A 331 4.31 28.46 6.68
N PHE A 332 3.51 29.40 7.19
CA PHE A 332 2.29 29.78 6.50
C PHE A 332 2.58 30.42 5.15
N LEU A 333 3.64 31.24 5.09
CA LEU A 333 3.97 31.91 3.83
C LEU A 333 4.62 30.99 2.82
N TRP A 334 5.36 29.97 3.28
CA TRP A 334 6.06 29.10 2.36
C TRP A 334 5.13 28.19 1.58
N ILE A 335 3.84 28.13 1.94
CA ILE A 335 2.93 27.22 1.26
C ILE A 335 2.80 27.59 -0.22
N ARG A 336 2.63 28.87 -0.51
CA ARG A 336 2.44 29.28 -1.90
C ARG A 336 3.67 28.98 -2.73
N VAL A 337 4.87 29.19 -2.17
CA VAL A 337 6.09 28.96 -2.95
C VAL A 337 6.26 27.48 -3.25
N GLN A 338 6.02 26.61 -2.26
CA GLN A 338 6.21 25.19 -2.51
C GLN A 338 5.14 24.65 -3.44
N GLN A 339 3.91 25.18 -3.37
CA GLN A 339 2.88 24.79 -4.33
C GLN A 339 3.28 25.19 -5.74
N PHE A 340 3.83 26.39 -5.92
CA PHE A 340 4.17 26.86 -7.26
C PHE A 340 5.25 25.98 -7.89
N THR A 341 6.30 25.69 -7.13
CA THR A 341 7.38 24.86 -7.67
C THR A 341 6.93 23.43 -7.89
N SER A 342 6.09 22.90 -7.00
CA SER A 342 5.57 21.55 -7.20
C SER A 342 4.73 21.46 -8.46
N ARG A 343 3.90 22.47 -8.71
CA ARG A 343 3.09 22.48 -9.92
C ARG A 343 3.97 22.58 -11.17
N ARG A 344 5.02 23.39 -11.13
CA ARG A 344 5.85 23.58 -12.30
C ARG A 344 6.60 22.29 -12.66
N VAL A 345 7.17 21.63 -11.66
CA VAL A 345 7.91 20.39 -11.95
C VAL A 345 6.96 19.30 -12.41
N GLU A 346 5.76 19.24 -11.82
CA GLU A 346 4.78 18.23 -12.23
C GLU A 346 4.42 18.39 -13.70
N LEU A 347 4.16 19.62 -14.14
CA LEU A 347 3.79 19.84 -15.53
C LEU A 347 4.97 19.59 -16.46
N LEU A 348 6.19 19.90 -16.02
CA LEU A 348 7.37 19.62 -16.84
C LEU A 348 7.51 18.13 -17.08
N ILE A 349 7.36 17.32 -16.04
CA ILE A 349 7.48 15.88 -16.19
C ILE A 349 6.38 15.33 -17.08
N PHE A 350 5.14 15.78 -16.84
CA PHE A 350 4.01 15.27 -17.62
C PHE A 350 4.17 15.63 -19.10
N SER A 351 4.58 16.85 -19.40
CA SER A 351 4.77 17.23 -20.79
C SER A 351 5.87 16.41 -21.45
N HIS A 352 6.96 16.15 -20.72
CA HIS A 352 8.03 15.32 -21.27
C HIS A 352 7.54 13.90 -21.53
N LEU A 353 6.77 13.33 -20.59
CA LEU A 353 6.29 11.97 -20.75
C LEU A 353 5.45 11.83 -22.01
N HIS A 354 4.58 12.81 -22.28
CA HIS A 354 3.81 12.79 -23.51
C HIS A 354 4.67 13.05 -24.73
N GLU A 355 5.84 13.67 -24.57
CA GLU A 355 6.68 14.03 -25.69
C GLU A 355 7.54 12.87 -26.19
N LEU A 356 7.55 11.74 -25.47
CA LEU A 356 8.38 10.62 -25.84
C LEU A 356 7.74 9.87 -27.00
N SER A 357 8.27 8.69 -27.33
CA SER A 357 7.85 7.92 -28.48
C SER A 357 6.93 6.77 -28.06
N LEU A 358 6.30 6.16 -29.07
CA LEU A 358 5.38 5.06 -28.82
C LEU A 358 6.13 3.83 -28.31
N ARG A 359 7.31 3.56 -28.88
CA ARG A 359 8.03 2.34 -28.52
C ARG A 359 8.37 2.35 -27.03
N TRP A 360 8.81 3.48 -26.50
CA TRP A 360 9.12 3.56 -25.08
C TRP A 360 7.87 3.32 -24.24
N HIS A 361 6.72 3.84 -24.67
CA HIS A 361 5.51 3.69 -23.89
C HIS A 361 5.03 2.24 -23.87
N LEU A 362 5.19 1.52 -24.99
CA LEU A 362 4.85 0.10 -25.00
C LEU A 362 5.81 -0.69 -24.13
N GLY A 363 7.09 -0.30 -24.10
CA GLY A 363 8.07 -1.06 -23.34
C GLY A 363 7.84 -0.99 -21.84
N ARG A 364 7.43 0.17 -21.34
CA ARG A 364 7.35 0.43 -19.91
C ARG A 364 5.90 0.55 -19.47
N ARG A 365 5.63 0.08 -18.25
CA ARG A 365 4.32 0.24 -17.65
C ARG A 365 4.20 1.62 -17.03
N THR A 366 3.03 2.25 -17.23
CA THR A 366 2.88 3.64 -16.84
C THR A 366 2.74 3.83 -15.33
N GLY A 367 2.20 2.83 -14.63
CA GLY A 367 1.92 3.02 -13.21
C GLY A 367 3.16 3.35 -12.40
N GLU A 368 4.24 2.60 -12.61
CA GLU A 368 5.47 2.87 -11.89
C GLU A 368 6.09 4.20 -12.30
N VAL A 369 5.86 4.63 -13.55
CA VAL A 369 6.38 5.92 -13.98
C VAL A 369 5.70 7.06 -13.23
N LEU A 370 4.38 6.97 -13.07
CA LEU A 370 3.68 7.97 -12.27
C LEU A 370 4.18 7.95 -10.82
N ARG A 371 4.41 6.76 -10.28
CA ARG A 371 4.92 6.67 -8.92
C ARG A 371 6.29 7.33 -8.81
N ILE A 372 7.16 7.11 -9.79
CA ILE A 372 8.46 7.78 -9.79
C ILE A 372 8.29 9.29 -9.90
N ALA A 373 7.36 9.74 -10.75
CA ALA A 373 7.17 11.17 -10.95
C ALA A 373 6.73 11.86 -9.66
N ASP A 374 5.68 11.33 -9.02
CA ASP A 374 5.18 11.98 -7.81
C ASP A 374 6.20 11.91 -6.68
N ARG A 375 6.89 10.77 -6.54
CA ARG A 375 7.93 10.66 -5.53
C ARG A 375 9.05 11.66 -5.78
N GLY A 376 9.43 11.85 -7.05
CA GLY A 376 10.47 12.81 -7.35
C GLY A 376 10.06 14.24 -7.00
N THR A 377 8.82 14.62 -7.32
CA THR A 377 8.38 15.97 -7.02
C THR A 377 8.29 16.21 -5.51
N SER A 378 7.71 15.26 -4.78
CA SER A 378 7.67 15.38 -3.32
C SER A 378 9.07 15.39 -2.74
N SER A 379 9.97 14.57 -3.28
CA SER A 379 11.35 14.55 -2.82
C SER A 379 12.02 15.91 -3.02
N VAL A 380 11.81 16.52 -4.18
CA VAL A 380 12.46 17.79 -4.48
C VAL A 380 12.01 18.87 -3.50
N THR A 381 10.70 19.03 -3.35
CA THR A 381 10.18 20.08 -2.48
C THR A 381 10.52 19.80 -1.02
N GLY A 382 10.42 18.54 -0.59
CA GLY A 382 10.73 18.22 0.78
C GLY A 382 12.19 18.44 1.12
N LEU A 383 13.09 18.00 0.22
CA LEU A 383 14.51 18.19 0.45
C LEU A 383 14.89 19.66 0.44
N LEU A 384 14.30 20.44 -0.47
CA LEU A 384 14.60 21.86 -0.54
C LEU A 384 14.23 22.56 0.76
N SER A 385 13.02 22.28 1.28
CA SER A 385 12.58 22.93 2.51
C SER A 385 13.45 22.51 3.70
N TYR A 386 13.75 21.21 3.80
CA TYR A 386 14.51 20.73 4.96
C TYR A 386 15.91 21.32 4.99
N LEU A 387 16.58 21.38 3.84
CA LEU A 387 17.96 21.85 3.82
C LEU A 387 18.05 23.34 4.13
N VAL A 388 17.08 24.13 3.68
CA VAL A 388 17.19 25.58 3.82
C VAL A 388 16.67 26.05 5.18
N PHE A 389 15.78 25.30 5.82
CA PHE A 389 15.08 25.77 7.01
C PHE A 389 15.44 25.00 8.28
N ASN A 390 16.05 23.84 8.18
CA ASN A 390 16.28 22.99 9.34
C ASN A 390 17.74 22.71 9.62
N VAL A 391 18.54 22.40 8.60
CA VAL A 391 19.93 22.04 8.84
C VAL A 391 20.79 23.30 8.98
N ILE A 392 20.79 24.15 7.96
CA ILE A 392 21.65 25.33 7.99
C ILE A 392 21.30 26.26 9.15
N PRO A 393 20.03 26.60 9.40
CA PRO A 393 19.75 27.50 10.52
C PRO A 393 20.28 26.98 11.84
N THR A 394 20.18 25.67 12.08
CA THR A 394 20.66 25.11 13.34
C THR A 394 22.18 25.05 13.41
N LEU A 395 22.84 24.77 12.29
CA LEU A 395 24.29 24.85 12.28
C LEU A 395 24.75 26.27 12.60
N ALA A 396 24.05 27.27 12.08
CA ALA A 396 24.31 28.64 12.48
C ALA A 396 23.99 28.85 13.95
N ASP A 397 22.91 28.23 14.45
CA ASP A 397 22.54 28.39 15.84
C ASP A 397 23.62 27.85 16.77
N ILE A 398 24.19 26.70 16.43
CA ILE A 398 25.25 26.13 17.26
C ILE A 398 26.51 26.98 17.22
N ILE A 399 26.86 27.48 16.03
CA ILE A 399 28.04 28.34 15.93
C ILE A 399 27.84 29.62 16.72
N ILE A 400 26.63 30.19 16.66
CA ILE A 400 26.36 31.41 17.42
C ILE A 400 26.45 31.13 18.91
N GLY A 401 25.91 30.01 19.36
CA GLY A 401 25.98 29.69 20.78
C GLY A 401 27.41 29.53 21.28
N ILE A 402 28.25 28.86 20.50
CA ILE A 402 29.64 28.68 20.88
C ILE A 402 30.36 30.02 20.92
N ILE A 403 30.10 30.88 19.94
CA ILE A 403 30.74 32.19 19.91
C ILE A 403 30.32 33.03 21.11
N TYR A 404 29.03 33.02 21.45
CA TYR A 404 28.55 33.79 22.58
C TYR A 404 29.18 33.33 23.88
N PHE A 405 29.22 32.02 24.11
CA PHE A 405 29.77 31.50 25.35
C PHE A 405 31.26 31.78 25.46
N SER A 406 31.99 31.68 24.35
CA SER A 406 33.43 31.92 24.40
C SER A 406 33.75 33.38 24.67
N MET A 407 32.91 34.30 24.18
CA MET A 407 33.20 35.73 24.29
C MET A 407 32.69 36.32 25.59
N PHE A 408 31.39 36.17 25.86
CA PHE A 408 30.75 36.85 26.98
C PHE A 408 30.75 36.04 28.27
N PHE A 409 31.19 34.79 28.23
CA PHE A 409 31.51 34.01 29.41
C PHE A 409 33.01 33.70 29.35
N ASN A 410 33.48 32.88 30.29
CA ASN A 410 34.83 32.36 30.14
C ASN A 410 34.88 31.43 28.94
N ALA A 411 36.03 31.37 28.29
CA ALA A 411 36.13 30.55 27.09
C ALA A 411 36.01 29.06 27.41
N TRP A 412 36.08 28.70 28.69
CA TRP A 412 35.89 27.30 29.04
C TRP A 412 34.51 26.81 28.64
N PHE A 413 33.48 27.65 28.83
CA PHE A 413 32.12 27.22 28.51
C PHE A 413 31.97 26.98 27.01
N GLY A 414 32.67 27.75 26.18
CA GLY A 414 32.71 27.45 24.76
C GLY A 414 33.32 26.10 24.47
N LEU A 415 34.40 25.76 25.17
CA LEU A 415 35.02 24.45 25.01
C LEU A 415 34.07 23.34 25.42
N ILE A 416 33.35 23.53 26.52
CA ILE A 416 32.47 22.48 27.04
C ILE A 416 31.35 22.18 26.05
N VAL A 417 30.72 23.22 25.52
CA VAL A 417 29.63 23.01 24.58
C VAL A 417 30.15 22.43 23.27
N PHE A 418 31.34 22.85 22.83
CA PHE A 418 31.91 22.29 21.59
C PHE A 418 32.18 20.81 21.75
N LEU A 419 32.75 20.40 22.87
CA LEU A 419 33.01 18.99 23.10
C LEU A 419 31.71 18.20 23.21
N CYS A 420 30.68 18.79 23.82
CA CYS A 420 29.40 18.09 23.95
C CYS A 420 28.78 17.83 22.59
N MET A 421 28.78 18.83 21.71
CA MET A 421 28.19 18.65 20.39
C MET A 421 29.00 17.66 19.55
N SER A 422 30.34 17.73 19.64
CA SER A 422 31.17 16.79 18.89
C SER A 422 30.89 15.36 19.33
N LEU A 423 30.88 15.13 20.64
CA LEU A 423 30.62 13.79 21.16
C LEU A 423 29.19 13.36 20.84
N TYR A 424 28.23 14.27 20.96
CA TYR A 424 26.83 13.92 20.72
C TYR A 424 26.62 13.44 19.30
N LEU A 425 27.15 14.18 18.32
CA LEU A 425 26.95 13.81 16.93
C LEU A 425 27.75 12.56 16.57
N THR A 426 28.99 12.47 17.03
CA THR A 426 29.82 11.32 16.69
C THR A 426 29.19 10.03 17.20
N LEU A 427 28.67 10.05 18.42
CA LEU A 427 28.06 8.85 18.99
C LEU A 427 26.77 8.49 18.27
N THR A 428 25.97 9.48 17.89
CA THR A 428 24.75 9.20 17.15
C THR A 428 25.05 8.58 15.79
N ILE A 429 26.12 9.06 15.13
CA ILE A 429 26.47 8.55 13.81
C ILE A 429 26.90 7.09 13.90
N VAL A 430 27.77 6.76 14.86
CA VAL A 430 28.33 5.41 14.95
C VAL A 430 27.35 4.39 15.50
N VAL A 431 26.24 4.84 16.09
CA VAL A 431 25.28 3.91 16.69
C VAL A 431 24.13 3.67 15.72
N THR A 432 23.81 4.69 14.91
CA THR A 432 22.66 4.58 14.02
C THR A 432 22.87 3.49 12.96
N GLU A 433 24.09 3.39 12.43
CA GLU A 433 24.37 2.34 11.45
C GLU A 433 24.24 0.95 12.07
N TRP A 434 24.72 0.80 13.31
CA TRP A 434 24.57 -0.47 14.01
C TRP A 434 23.09 -0.79 14.24
N ARG A 435 22.31 0.21 14.60
CA ARG A 435 20.89 -0.01 14.87
C ARG A 435 20.15 -0.43 13.60
N THR A 436 20.46 0.20 12.47
CA THR A 436 19.73 -0.12 11.24
C THR A 436 20.14 -1.47 10.67
N LYS A 437 21.37 -1.93 10.98
CA LYS A 437 21.75 -3.29 10.62
C LYS A 437 20.83 -4.30 11.27
N PHE A 438 20.53 -4.12 12.56
CA PHE A 438 19.54 -4.96 13.24
C PHE A 438 18.16 -4.77 12.63
N ARG A 439 17.84 -3.55 12.21
CA ARG A 439 16.50 -3.26 11.73
C ARG A 439 16.22 -3.94 10.38
N ARG A 440 17.26 -4.18 9.58
CA ARG A 440 17.04 -4.64 8.22
C ARG A 440 16.40 -6.02 8.17
N ALA A 441 16.97 -6.98 8.91
CA ALA A 441 16.49 -8.35 8.81
C ALA A 441 15.13 -8.54 9.46
N MET A 442 14.67 -7.59 10.28
CA MET A 442 13.36 -7.73 10.91
C MET A 442 12.26 -7.74 9.86
N ASN A 443 12.36 -6.87 8.85
CA ASN A 443 11.32 -6.80 7.83
C ASN A 443 11.23 -8.10 7.04
N THR A 444 12.38 -8.68 6.68
CA THR A 444 12.36 -9.91 5.89
C THR A 444 11.68 -11.03 6.66
N GLN A 445 11.99 -11.17 7.96
CA GLN A 445 11.34 -12.19 8.76
C GLN A 445 9.84 -11.94 8.88
N GLU A 446 9.45 -10.67 9.02
CA GLU A 446 8.03 -10.35 9.11
C GLU A 446 7.29 -10.76 7.84
N ASN A 447 7.91 -10.53 6.68
CA ASN A 447 7.30 -10.96 5.43
C ASN A 447 7.25 -12.47 5.32
N ALA A 448 8.25 -13.17 5.86
CA ALA A 448 8.28 -14.62 5.76
C ALA A 448 7.22 -15.27 6.65
N THR A 449 6.95 -14.71 7.82
CA THR A 449 6.00 -15.32 8.74
C THR A 449 4.58 -15.29 8.17
N ARG A 450 4.13 -14.12 7.71
CA ARG A 450 2.77 -14.01 7.22
C ARG A 450 2.55 -14.81 5.95
N ALA A 451 3.60 -15.00 5.15
CA ALA A 451 3.47 -15.81 3.94
C ALA A 451 3.10 -17.24 4.29
N ARG A 452 3.74 -17.80 5.33
CA ARG A 452 3.37 -19.14 5.77
C ARG A 452 1.95 -19.16 6.34
N ALA A 453 1.57 -18.11 7.07
CA ALA A 453 0.24 -18.05 7.65
C ALA A 453 -0.84 -18.06 6.56
N VAL A 454 -0.69 -17.20 5.55
CA VAL A 454 -1.71 -17.09 4.52
C VAL A 454 -1.73 -18.33 3.65
N ASP A 455 -0.57 -18.95 3.42
CA ASP A 455 -0.55 -20.20 2.67
C ASP A 455 -1.23 -21.32 3.45
N SER A 456 -1.16 -21.29 4.78
CA SER A 456 -1.85 -22.27 5.60
C SER A 456 -3.36 -22.15 5.45
N LEU A 457 -3.86 -20.91 5.45
CA LEU A 457 -5.30 -20.69 5.40
C LEU A 457 -5.88 -20.84 3.99
N LEU A 458 -5.07 -20.58 2.96
CA LEU A 458 -5.59 -20.67 1.60
C LEU A 458 -5.90 -22.11 1.22
N ASN A 459 -5.09 -23.06 1.66
CA ASN A 459 -5.30 -24.47 1.36
C ASN A 459 -6.11 -25.14 2.47
N PHE A 460 -7.28 -24.56 2.73
CA PHE A 460 -8.09 -25.00 3.86
C PHE A 460 -8.57 -26.44 3.68
N GLU A 461 -8.90 -26.83 2.45
CA GLU A 461 -9.45 -28.16 2.22
C GLU A 461 -8.44 -29.24 2.56
N THR A 462 -7.17 -29.05 2.18
CA THR A 462 -6.17 -30.07 2.45
C THR A 462 -5.86 -30.16 3.94
N VAL A 463 -5.86 -29.02 4.64
CA VAL A 463 -5.63 -29.04 6.08
C VAL A 463 -6.70 -29.86 6.77
N LYS A 464 -7.96 -29.65 6.42
CA LYS A 464 -9.03 -30.45 7.00
C LYS A 464 -8.96 -31.90 6.52
N TYR A 465 -8.36 -32.15 5.36
CA TYR A 465 -8.26 -33.52 4.87
C TYR A 465 -7.37 -34.36 5.77
N TYR A 466 -6.20 -33.84 6.12
CA TYR A 466 -5.16 -34.62 6.80
C TYR A 466 -5.12 -34.36 8.30
N ASN A 467 -6.03 -33.55 8.83
CA ASN A 467 -6.11 -33.28 10.28
C ASN A 467 -4.80 -32.68 10.78
N ALA A 468 -4.51 -31.47 10.31
CA ALA A 468 -3.27 -30.78 10.66
C ALA A 468 -3.55 -29.36 11.12
N GLU A 469 -4.57 -29.17 11.94
CA GLU A 469 -4.80 -27.86 12.56
C GLU A 469 -3.79 -27.60 13.68
N SER A 470 -3.57 -28.60 14.54
CA SER A 470 -2.57 -28.43 15.59
C SER A 470 -1.17 -28.31 15.00
N TYR A 471 -0.87 -29.09 13.96
CA TYR A 471 0.45 -29.02 13.35
C TYR A 471 0.71 -27.64 12.76
N GLU A 472 -0.28 -27.04 12.13
CA GLU A 472 -0.06 -25.76 11.46
C GLU A 472 -0.01 -24.60 12.45
N VAL A 473 -0.78 -24.65 13.54
CA VAL A 473 -0.68 -23.60 14.55
C VAL A 473 0.67 -23.67 15.24
N GLU A 474 1.23 -24.88 15.40
CA GLU A 474 2.57 -25.00 15.94
C GLU A 474 3.61 -24.37 15.04
N ARG A 475 3.50 -24.60 13.72
CA ARG A 475 4.43 -23.97 12.80
C ARG A 475 4.29 -22.46 12.82
N TYR A 476 3.06 -21.95 12.89
CA TYR A 476 2.85 -20.51 12.99
C TYR A 476 3.44 -19.99 14.30
N ARG A 477 3.32 -20.75 15.38
CA ARG A 477 3.88 -20.32 16.65
C ARG A 477 5.39 -20.19 16.57
N GLU A 478 6.05 -21.16 15.94
CA GLU A 478 7.51 -21.11 15.83
C GLU A 478 7.96 -19.93 14.97
N ALA A 479 7.29 -19.69 13.84
CA ALA A 479 7.63 -18.56 13.01
C ALA A 479 7.43 -17.25 13.76
N ILE A 480 6.37 -17.16 14.56
CA ILE A 480 6.16 -15.98 15.39
C ILE A 480 7.31 -15.82 16.38
N ILE A 481 7.74 -16.91 16.99
CA ILE A 481 8.79 -16.83 18.01
C ILE A 481 10.07 -16.26 17.40
N LYS A 482 10.44 -16.70 16.21
CA LYS A 482 11.60 -16.14 15.54
C LYS A 482 11.43 -14.65 15.29
N TYR A 483 10.25 -14.24 14.83
CA TYR A 483 10.03 -12.82 14.57
C TYR A 483 10.12 -12.02 15.86
N GLN A 484 9.62 -12.56 16.97
CA GLN A 484 9.74 -11.87 18.25
C GLN A 484 11.20 -11.68 18.62
N GLY A 485 12.04 -12.69 18.35
CA GLY A 485 13.46 -12.56 18.65
C GLY A 485 14.11 -11.42 17.90
N LEU A 486 13.81 -11.29 16.60
CA LEU A 486 14.33 -10.16 15.84
C LEU A 486 13.80 -8.84 16.37
N GLU A 487 12.51 -8.81 16.73
CA GLU A 487 11.95 -7.59 17.32
C GLU A 487 12.71 -7.16 18.55
N TRP A 488 13.07 -8.11 19.41
CA TRP A 488 13.75 -7.77 20.65
C TRP A 488 15.13 -7.18 20.36
N LYS A 489 15.85 -7.75 19.40
CA LYS A 489 17.16 -7.20 19.04
C LYS A 489 17.03 -5.74 18.61
N SER A 490 16.07 -5.45 17.73
CA SER A 490 15.91 -4.09 17.24
C SER A 490 15.51 -3.13 18.36
N SER A 491 14.55 -3.54 19.19
CA SER A 491 14.09 -2.64 20.25
C SER A 491 15.18 -2.39 21.28
N ALA A 492 15.95 -3.42 21.65
CA ALA A 492 17.02 -3.24 22.60
C ALA A 492 18.07 -2.26 22.05
N SER A 493 18.39 -2.37 20.77
CA SER A 493 19.36 -1.46 20.17
C SER A 493 18.88 -0.02 20.25
N LEU A 494 17.60 0.21 19.96
CA LEU A 494 17.06 1.57 20.02
C LEU A 494 17.14 2.12 21.44
N VAL A 495 16.86 1.29 22.44
CA VAL A 495 16.93 1.73 23.83
C VAL A 495 18.35 2.12 24.18
N LEU A 496 19.35 1.36 23.72
CA LEU A 496 20.74 1.71 23.98
C LEU A 496 21.08 3.06 23.36
N LEU A 497 20.61 3.30 22.14
CA LEU A 497 20.89 4.57 21.47
C LEU A 497 20.35 5.74 22.28
N ASN A 498 19.09 5.64 22.73
CA ASN A 498 18.50 6.73 23.51
C ASN A 498 19.24 6.93 24.82
N GLN A 499 19.62 5.84 25.49
CA GLN A 499 20.32 5.97 26.76
C GLN A 499 21.68 6.61 26.58
N THR A 500 22.38 6.27 25.49
CA THR A 500 23.69 6.87 25.23
C THR A 500 23.56 8.38 25.02
N GLN A 501 22.58 8.80 24.23
CA GLN A 501 22.38 10.23 24.02
C GLN A 501 22.02 10.94 25.31
N ASN A 502 21.11 10.37 26.10
CA ASN A 502 20.74 10.98 27.37
C ASN A 502 21.95 11.11 28.29
N LEU A 503 22.81 10.08 28.34
CA LEU A 503 23.97 10.14 29.22
C LEU A 503 24.94 11.23 28.79
N VAL A 504 25.17 11.38 27.49
CA VAL A 504 26.07 12.43 27.02
C VAL A 504 25.56 13.80 27.41
N ILE A 505 24.25 14.02 27.26
CA ILE A 505 23.65 15.29 27.67
C ILE A 505 23.85 15.51 29.15
N GLY A 506 23.64 14.47 29.96
CA GLY A 506 23.78 14.62 31.40
C GLY A 506 25.19 14.98 31.82
N LEU A 507 26.19 14.34 31.22
CA LEU A 507 27.58 14.63 31.57
C LEU A 507 27.95 16.06 31.19
N GLY A 508 27.51 16.52 30.03
CA GLY A 508 27.78 17.90 29.64
C GLY A 508 27.10 18.90 30.57
N LEU A 509 25.85 18.62 30.93
CA LEU A 509 25.15 19.50 31.86
C LEU A 509 25.82 19.52 33.23
N LEU A 510 26.32 18.36 33.67
CA LEU A 510 27.00 18.30 34.96
C LEU A 510 28.25 19.17 34.96
N ALA A 511 29.06 19.09 33.89
CA ALA A 511 30.30 19.83 33.84
C ALA A 511 30.05 21.34 33.86
N GLY A 512 29.08 21.79 33.06
CA GLY A 512 28.77 23.22 33.03
C GLY A 512 28.18 23.72 34.34
N SER A 513 27.25 22.96 34.91
CA SER A 513 26.59 23.40 36.13
C SER A 513 27.58 23.56 37.27
N LEU A 514 28.48 22.58 37.45
CA LEU A 514 29.45 22.67 38.53
C LEU A 514 30.44 23.81 38.31
N LEU A 515 30.89 24.00 37.07
CA LEU A 515 31.80 25.10 36.79
C LEU A 515 31.12 26.45 37.00
N CYS A 516 29.89 26.59 36.52
CA CYS A 516 29.17 27.85 36.70
C CYS A 516 28.88 28.11 38.17
N ALA A 517 28.54 27.07 38.93
CA ALA A 517 28.31 27.21 40.35
C ALA A 517 29.58 27.69 41.07
N TYR A 518 30.73 27.16 40.67
CA TYR A 518 31.97 27.60 41.30
C TYR A 518 32.25 29.06 41.00
N PHE A 519 32.08 29.48 39.75
CA PHE A 519 32.42 30.85 39.39
C PHE A 519 31.49 31.85 40.04
N VAL A 520 30.19 31.54 40.14
CA VAL A 520 29.28 32.43 40.83
C VAL A 520 29.53 32.42 42.33
N THR A 521 30.18 31.38 42.85
CA THR A 521 30.58 31.35 44.26
C THR A 521 31.73 32.33 44.52
N GLU A 522 32.65 32.46 43.57
CA GLU A 522 33.82 33.29 43.74
C GLU A 522 33.63 34.70 43.19
N GLN A 523 32.39 35.16 43.09
CA GLN A 523 32.09 36.54 42.70
C GLN A 523 32.69 36.89 41.32
N LYS A 524 32.59 35.95 40.38
CA LYS A 524 33.00 36.20 39.01
C LYS A 524 31.84 36.21 38.03
N LEU A 525 30.80 35.42 38.28
CA LEU A 525 29.55 35.48 37.55
C LEU A 525 28.45 35.90 38.50
N GLN A 526 27.26 36.12 37.97
CA GLN A 526 26.10 36.50 38.76
C GLN A 526 25.11 35.35 38.78
N VAL A 527 24.11 35.47 39.66
CA VAL A 527 23.19 34.37 39.85
C VAL A 527 22.39 34.12 38.58
N GLY A 528 22.16 35.15 37.77
CA GLY A 528 21.42 34.97 36.54
C GLY A 528 22.16 34.19 35.48
N ASP A 529 23.50 34.16 35.56
CA ASP A 529 24.27 33.39 34.59
C ASP A 529 24.05 31.90 34.74
N TYR A 530 23.78 31.43 35.96
CA TYR A 530 23.54 30.02 36.17
C TYR A 530 22.30 29.54 35.41
N VAL A 531 21.23 30.32 35.48
CA VAL A 531 20.01 29.93 34.77
C VAL A 531 20.14 30.18 33.27
N LEU A 532 20.93 31.18 32.89
CA LEU A 532 21.16 31.42 31.47
C LEU A 532 21.84 30.22 30.81
N PHE A 533 22.85 29.66 31.48
CA PHE A 533 23.50 28.46 30.94
C PHE A 533 22.55 27.28 30.93
N GLY A 534 21.76 27.11 31.99
CA GLY A 534 20.87 25.97 32.06
C GLY A 534 19.82 25.98 30.96
N THR A 535 19.25 27.15 30.68
CA THR A 535 18.23 27.24 29.64
C THR A 535 18.84 27.14 28.25
N TYR A 536 19.99 27.79 28.03
CA TYR A 536 20.55 27.84 26.69
C TYR A 536 21.10 26.50 26.24
N ILE A 537 21.75 25.74 27.14
CA ILE A 537 22.34 24.48 26.72
C ILE A 537 21.25 23.48 26.35
N ILE A 538 20.14 23.48 27.09
CA ILE A 538 19.01 22.62 26.72
C ILE A 538 18.40 23.10 25.41
N GLN A 539 18.36 24.42 25.20
CA GLN A 539 17.86 24.95 23.94
C GLN A 539 18.73 24.48 22.77
N LEU A 540 20.03 24.31 22.99
CA LEU A 540 20.92 23.85 21.94
C LEU A 540 20.79 22.35 21.70
N TYR A 541 20.58 21.57 22.77
CA TYR A 541 20.51 20.11 22.61
C TYR A 541 19.23 19.66 21.93
N MET A 542 18.11 20.35 22.18
CA MET A 542 16.82 19.84 21.73
C MET A 542 16.75 19.58 20.24
N PRO A 543 17.21 20.47 19.35
CA PRO A 543 17.08 20.21 17.91
C PRO A 543 17.82 18.95 17.47
N LEU A 544 18.92 18.58 18.12
CA LEU A 544 19.72 17.45 17.65
C LEU A 544 19.02 16.10 17.86
N ASN A 545 17.84 16.06 18.48
CA ASN A 545 17.21 14.78 18.73
C ASN A 545 16.72 14.12 17.45
N TRP A 546 16.32 14.91 16.45
CA TRP A 546 15.81 14.36 15.21
C TRP A 546 16.89 14.10 14.17
N PHE A 547 18.16 14.07 14.59
CA PHE A 547 19.23 13.88 13.62
C PHE A 547 19.12 12.54 12.92
N GLY A 548 18.75 11.49 13.67
CA GLY A 548 18.59 10.18 13.05
C GLY A 548 17.46 10.15 12.03
N THR A 549 16.35 10.84 12.32
CA THR A 549 15.19 10.77 11.44
C THR A 549 15.48 11.39 10.09
N TYR A 550 16.11 12.57 10.07
CA TYR A 550 16.45 13.16 8.78
C TYR A 550 17.60 12.41 8.11
N TYR A 551 18.47 11.78 8.87
CA TYR A 551 19.57 11.02 8.26
C TYR A 551 19.03 9.83 7.48
N ARG A 552 18.03 9.13 8.02
CA ARG A 552 17.43 8.01 7.32
C ARG A 552 16.41 8.46 6.28
N MET A 553 15.98 9.72 6.33
CA MET A 553 15.06 10.26 5.34
C MET A 553 15.78 10.89 4.16
N ILE A 554 16.91 11.56 4.41
CA ILE A 554 17.59 12.28 3.34
C ILE A 554 18.11 11.31 2.28
N GLN A 555 18.53 10.11 2.68
CA GLN A 555 19.04 9.16 1.71
C GLN A 555 17.96 8.70 0.76
N THR A 556 16.79 8.34 1.28
CA THR A 556 15.67 7.97 0.43
C THR A 556 15.27 9.14 -0.47
N ASN A 557 15.30 10.35 0.08
CA ASN A 557 14.92 11.53 -0.69
C ASN A 557 15.85 11.73 -1.88
N PHE A 558 17.16 11.55 -1.68
CA PHE A 558 18.12 11.82 -2.74
C PHE A 558 18.03 10.78 -3.86
N ILE A 559 17.87 9.50 -3.49
CA ILE A 559 17.78 8.47 -4.52
C ILE A 559 16.50 8.63 -5.33
N ASP A 560 15.40 9.04 -4.68
CA ASP A 560 14.18 9.32 -5.42
C ASP A 560 14.39 10.45 -6.42
N MET A 561 15.10 11.51 -5.99
CA MET A 561 15.39 12.62 -6.89
C MET A 561 16.25 12.15 -8.06
N GLU A 562 17.26 11.32 -7.79
CA GLU A 562 18.10 10.81 -8.87
C GLU A 562 17.29 9.94 -9.81
N ASN A 563 16.35 9.16 -9.28
CA ASN A 563 15.50 8.34 -10.13
C ASN A 563 14.65 9.22 -11.05
N MET A 564 14.11 10.32 -10.51
CA MET A 564 13.33 11.24 -11.34
C MET A 564 14.19 11.86 -12.42
N PHE A 565 15.40 12.30 -12.07
CA PHE A 565 16.29 12.86 -13.09
C PHE A 565 16.62 11.83 -14.15
N ASP A 566 16.80 10.57 -13.74
CA ASP A 566 17.04 9.51 -14.71
C ASP A 566 15.84 9.38 -15.66
N LEU A 567 14.62 9.52 -15.12
CA LEU A 567 13.43 9.46 -15.95
C LEU A 567 13.41 10.58 -16.97
N LEU A 568 13.79 11.79 -16.55
CA LEU A 568 13.83 12.93 -17.48
C LEU A 568 15.02 12.86 -18.43
N LYS A 569 16.01 12.00 -18.16
CA LYS A 569 17.17 11.93 -19.03
C LYS A 569 16.85 11.33 -20.39
N GLU A 570 15.78 10.57 -20.51
CA GLU A 570 15.46 9.90 -21.76
C GLU A 570 15.09 10.92 -22.85
N GLU A 571 15.33 10.52 -24.09
CA GLU A 571 15.05 11.35 -25.24
C GLU A 571 14.14 10.61 -26.21
N THR A 572 13.53 11.37 -27.12
CA THR A 572 12.64 10.77 -28.11
C THR A 572 13.42 9.97 -29.14
N GLU A 573 12.92 8.79 -29.46
CA GLU A 573 13.56 7.98 -30.49
C GLU A 573 13.32 8.55 -31.87
N VAL A 574 12.09 9.01 -32.14
CA VAL A 574 11.71 9.58 -33.42
C VAL A 574 11.68 11.09 -33.23
N LYS A 575 12.69 11.77 -33.77
CA LYS A 575 12.85 13.20 -33.57
C LYS A 575 12.49 13.96 -34.85
N ASP A 576 12.12 15.22 -34.66
CA ASP A 576 11.91 16.12 -35.78
C ASP A 576 13.24 16.69 -36.24
N LEU A 577 13.41 16.77 -37.56
CA LEU A 577 14.64 17.30 -38.11
C LEU A 577 14.73 18.80 -37.84
N PRO A 578 15.95 19.36 -37.85
CA PRO A 578 16.07 20.81 -37.62
C PRO A 578 15.26 21.64 -38.59
N GLY A 579 15.05 21.16 -39.81
CA GLY A 579 14.19 21.86 -40.76
C GLY A 579 12.78 21.94 -40.26
N ALA A 580 12.10 20.79 -40.17
CA ALA A 580 10.77 20.70 -39.58
C ALA A 580 9.83 21.76 -40.14
N GLY A 581 9.81 21.87 -41.47
CA GLY A 581 8.94 22.81 -42.13
C GLY A 581 7.50 22.33 -42.16
N PRO A 582 6.59 23.20 -42.60
CA PRO A 582 5.19 22.78 -42.72
C PRO A 582 5.00 21.85 -43.90
N LEU A 583 3.75 21.50 -44.21
CA LEU A 583 3.45 20.55 -45.27
C LEU A 583 2.82 21.27 -46.45
N ARG A 584 3.31 20.99 -47.65
CA ARG A 584 2.73 21.52 -48.88
C ARG A 584 1.65 20.57 -49.41
N PHE A 585 0.70 20.21 -48.55
CA PHE A 585 -0.36 19.28 -48.91
C PHE A 585 -1.43 20.03 -49.69
N GLN A 586 -1.58 19.71 -50.98
CA GLN A 586 -2.56 20.36 -51.84
C GLN A 586 -3.73 19.44 -52.16
N LYS A 587 -3.46 18.27 -52.73
CA LYS A 587 -4.52 17.29 -53.00
C LYS A 587 -4.26 15.96 -52.32
N GLY A 588 -3.01 15.49 -52.33
CA GLY A 588 -2.64 14.32 -51.56
C GLY A 588 -2.47 13.05 -52.37
N ARG A 589 -1.23 12.68 -52.65
CA ARG A 589 -0.89 11.39 -53.19
C ARG A 589 -0.19 10.55 -52.12
N ILE A 590 -0.11 9.25 -52.36
CA ILE A 590 0.58 8.31 -51.48
C ILE A 590 1.52 7.47 -52.34
N GLU A 591 2.77 7.35 -51.90
CA GLU A 591 3.76 6.54 -52.62
C GLU A 591 4.67 5.85 -51.61
N PHE A 592 4.57 4.53 -51.52
CA PHE A 592 5.57 3.70 -50.86
C PHE A 592 6.50 3.13 -51.92
N GLU A 593 7.77 2.97 -51.55
CA GLU A 593 8.76 2.42 -52.48
C GLU A 593 9.86 1.76 -51.68
N ASN A 594 10.03 0.44 -51.87
CA ASN A 594 11.10 -0.35 -51.26
C ASN A 594 11.32 0.04 -49.80
N VAL A 595 10.27 -0.11 -49.01
CA VAL A 595 10.29 0.18 -47.58
C VAL A 595 10.64 -1.11 -46.84
N HIS A 596 11.90 -1.24 -46.42
CA HIS A 596 12.37 -2.43 -45.69
C HIS A 596 12.40 -2.10 -44.20
N PHE A 597 11.22 -2.09 -43.58
CA PHE A 597 11.13 -1.70 -42.17
C PHE A 597 11.55 -2.88 -41.31
N SER A 598 12.66 -2.71 -40.58
CA SER A 598 13.15 -3.74 -39.67
C SER A 598 12.48 -3.51 -38.31
N TYR A 599 11.41 -4.25 -38.06
CA TYR A 599 10.63 -4.06 -36.84
C TYR A 599 11.35 -4.71 -35.67
N ALA A 600 11.58 -3.93 -34.62
CA ALA A 600 12.26 -4.45 -33.44
C ALA A 600 11.33 -5.34 -32.61
N ASP A 601 11.95 -6.18 -31.79
CA ASP A 601 11.25 -7.10 -30.89
C ASP A 601 10.05 -7.74 -31.59
N GLY A 602 10.22 -8.14 -32.84
CA GLY A 602 9.16 -8.79 -33.57
C GLY A 602 9.72 -9.52 -34.78
N ARG A 603 9.05 -10.61 -35.14
CA ARG A 603 9.46 -11.44 -36.28
C ARG A 603 8.79 -11.03 -37.59
N GLU A 604 7.89 -10.05 -37.56
CA GLU A 604 7.16 -9.61 -38.74
C GLU A 604 7.73 -8.27 -39.18
N THR A 605 8.34 -8.26 -40.36
CA THR A 605 8.87 -7.05 -40.98
C THR A 605 8.20 -6.87 -42.34
N LEU A 606 8.65 -5.89 -43.10
CA LEU A 606 8.13 -5.62 -44.43
C LEU A 606 9.30 -5.40 -45.38
N GLN A 607 9.37 -6.19 -46.44
CA GLN A 607 10.46 -6.14 -47.40
C GLN A 607 9.90 -5.82 -48.78
N ASP A 608 10.37 -4.71 -49.37
CA ASP A 608 10.02 -4.32 -50.73
C ASP A 608 8.50 -4.22 -50.91
N VAL A 609 7.92 -3.23 -50.23
CA VAL A 609 6.54 -2.83 -50.43
C VAL A 609 6.54 -1.51 -51.20
N SER A 610 5.81 -1.46 -52.31
CA SER A 610 5.83 -0.28 -53.17
C SER A 610 4.51 -0.18 -53.93
N PHE A 611 3.75 0.86 -53.67
CA PHE A 611 2.48 1.09 -54.34
C PHE A 611 2.14 2.57 -54.26
N THR A 612 1.28 3.01 -55.17
CA THR A 612 0.85 4.40 -55.27
C THR A 612 -0.67 4.49 -55.21
N VAL A 613 -1.17 5.53 -54.56
CA VAL A 613 -2.61 5.77 -54.44
C VAL A 613 -2.88 7.19 -54.93
N MET A 614 -3.59 7.30 -56.04
CA MET A 614 -3.97 8.61 -56.57
C MET A 614 -5.11 9.20 -55.75
N PRO A 615 -5.29 10.52 -55.81
CA PRO A 615 -6.37 11.14 -55.03
C PRO A 615 -7.73 10.59 -55.42
N GLY A 616 -8.61 10.47 -54.42
CA GLY A 616 -9.97 10.01 -54.67
C GLY A 616 -10.06 8.58 -55.13
N GLN A 617 -9.33 7.67 -54.50
CA GLN A 617 -9.28 6.27 -54.89
C GLN A 617 -9.37 5.42 -53.63
N THR A 618 -9.12 4.12 -53.78
CA THR A 618 -9.07 3.19 -52.67
C THR A 618 -7.88 2.25 -52.85
N LEU A 619 -7.48 1.63 -51.75
CA LEU A 619 -6.46 0.58 -51.80
C LEU A 619 -6.73 -0.33 -50.61
N ALA A 620 -7.21 -1.55 -50.89
CA ALA A 620 -7.56 -2.49 -49.83
C ALA A 620 -6.30 -3.17 -49.32
N LEU A 621 -6.02 -2.99 -48.04
CA LEU A 621 -4.83 -3.55 -47.41
C LEU A 621 -5.19 -4.87 -46.73
N VAL A 622 -5.61 -5.83 -47.54
CA VAL A 622 -6.09 -7.11 -47.05
C VAL A 622 -5.00 -8.16 -47.28
N GLY A 623 -5.08 -9.23 -46.49
CA GLY A 623 -4.16 -10.33 -46.62
C GLY A 623 -4.22 -11.25 -45.42
N PRO A 624 -3.25 -12.16 -45.31
CA PRO A 624 -3.23 -13.06 -44.15
C PRO A 624 -3.02 -12.30 -42.86
N SER A 625 -3.53 -12.87 -41.78
CA SER A 625 -3.46 -12.21 -40.47
C SER A 625 -2.02 -12.13 -40.02
N GLY A 626 -1.44 -10.93 -40.12
CA GLY A 626 -0.08 -10.70 -39.67
C GLY A 626 0.07 -9.27 -39.18
N ALA A 627 1.23 -9.01 -38.56
CA ALA A 627 1.52 -7.68 -38.03
C ALA A 627 1.91 -6.69 -39.12
N GLY A 628 2.09 -7.15 -40.37
CA GLY A 628 2.52 -6.26 -41.43
C GLY A 628 1.45 -5.31 -41.91
N LYS A 629 0.17 -5.60 -41.61
CA LYS A 629 -0.89 -4.69 -42.03
C LYS A 629 -0.88 -3.42 -41.19
N SER A 630 -1.11 -3.56 -39.87
CA SER A 630 -1.13 -2.39 -39.01
C SER A 630 0.20 -1.68 -38.97
N THR A 631 1.30 -2.37 -39.28
CA THR A 631 2.59 -1.71 -39.32
C THR A 631 2.63 -0.64 -40.41
N ILE A 632 1.92 -0.87 -41.52
CA ILE A 632 1.86 0.13 -42.58
C ILE A 632 1.15 1.39 -42.09
N LEU A 633 0.03 1.23 -41.40
CA LEU A 633 -0.70 2.39 -40.92
C LEU A 633 0.11 3.16 -39.88
N ARG A 634 0.74 2.46 -38.94
CA ARG A 634 1.53 3.14 -37.94
C ARG A 634 2.83 3.71 -38.51
N LEU A 635 3.33 3.14 -39.60
CA LEU A 635 4.51 3.69 -40.25
C LEU A 635 4.19 4.94 -41.05
N LEU A 636 2.95 5.06 -41.54
CA LEU A 636 2.52 6.24 -42.27
C LEU A 636 2.16 7.39 -41.35
N PHE A 637 1.74 7.08 -40.13
CA PHE A 637 1.50 8.09 -39.10
C PHE A 637 2.78 8.53 -38.41
N ARG A 638 3.91 7.90 -38.76
CA ARG A 638 5.22 8.21 -38.18
C ARG A 638 5.27 7.91 -36.69
N PHE A 639 4.58 6.86 -36.26
CA PHE A 639 4.85 6.31 -34.93
C PHE A 639 6.25 5.72 -34.85
N TYR A 640 6.66 5.05 -35.92
CA TYR A 640 7.97 4.39 -36.00
C TYR A 640 8.76 5.01 -37.14
N ASP A 641 10.05 5.24 -36.90
CA ASP A 641 10.88 5.86 -37.92
C ASP A 641 11.17 4.89 -39.05
N ILE A 642 11.46 5.45 -40.23
CA ILE A 642 11.79 4.63 -41.39
C ILE A 642 13.09 3.89 -41.12
N SER A 643 13.22 2.71 -41.73
CA SER A 643 14.46 1.93 -41.67
C SER A 643 15.20 1.87 -42.99
N SER A 644 14.49 1.73 -44.11
CA SER A 644 15.14 1.75 -45.41
C SER A 644 14.07 2.01 -46.47
N GLY A 645 14.07 3.21 -47.04
CA GLY A 645 13.10 3.58 -48.06
C GLY A 645 12.60 4.99 -47.88
N CYS A 646 11.68 5.42 -48.75
CA CYS A 646 11.16 6.78 -48.73
C CYS A 646 9.64 6.77 -48.81
N ILE A 647 9.02 7.76 -48.17
CA ILE A 647 7.57 7.92 -48.16
C ILE A 647 7.26 9.28 -48.75
N ARG A 648 6.42 9.29 -49.79
CA ARG A 648 6.10 10.51 -50.52
C ARG A 648 4.61 10.77 -50.46
N ILE A 649 4.24 12.00 -50.11
CA ILE A 649 2.86 12.47 -50.18
C ILE A 649 2.85 13.73 -51.05
N ASP A 650 2.17 13.64 -52.19
CA ASP A 650 2.12 14.76 -53.13
C ASP A 650 3.53 15.16 -53.58
N GLY A 651 4.43 14.18 -53.66
CA GLY A 651 5.81 14.40 -54.05
C GLY A 651 6.71 14.92 -52.95
N GLN A 652 6.21 15.08 -51.73
CA GLN A 652 7.01 15.56 -50.60
C GLN A 652 7.34 14.39 -49.69
N ASP A 653 8.62 14.29 -49.31
CA ASP A 653 9.05 13.26 -48.38
C ASP A 653 8.64 13.66 -46.97
N ILE A 654 8.00 12.73 -46.24
CA ILE A 654 7.44 13.07 -44.93
C ILE A 654 8.49 13.19 -43.85
N SER A 655 9.73 12.77 -44.11
CA SER A 655 10.75 12.81 -43.07
C SER A 655 11.13 14.25 -42.72
N GLN A 656 11.18 15.14 -43.71
CA GLN A 656 11.60 16.51 -43.46
C GLN A 656 10.50 17.32 -42.79
N VAL A 657 9.25 17.12 -43.19
CA VAL A 657 8.16 17.92 -42.63
C VAL A 657 8.00 17.60 -41.15
N THR A 658 7.50 18.58 -40.40
CA THR A 658 7.37 18.43 -38.96
C THR A 658 6.31 17.38 -38.63
N GLN A 659 6.29 16.97 -37.36
CA GLN A 659 5.38 15.91 -36.94
C GLN A 659 3.93 16.36 -36.99
N ALA A 660 3.63 17.52 -36.41
CA ALA A 660 2.23 17.94 -36.26
C ALA A 660 1.59 18.22 -37.61
N SER A 661 2.31 18.90 -38.51
CA SER A 661 1.70 19.31 -39.77
C SER A 661 1.29 18.08 -40.60
N LEU A 662 2.16 17.07 -40.66
CA LEU A 662 1.81 15.84 -41.35
C LEU A 662 0.68 15.12 -40.65
N ARG A 663 0.75 15.03 -39.32
CA ARG A 663 -0.20 14.25 -38.55
C ARG A 663 -1.58 14.89 -38.52
N SER A 664 -1.66 16.19 -38.79
CA SER A 664 -2.94 16.89 -38.74
C SER A 664 -3.84 16.52 -39.91
N HIS A 665 -3.27 16.18 -41.06
CA HIS A 665 -4.03 15.90 -42.26
C HIS A 665 -4.43 14.44 -42.39
N ILE A 666 -4.18 13.62 -41.38
CA ILE A 666 -4.46 12.19 -41.41
C ILE A 666 -5.54 11.89 -40.39
N GLY A 667 -6.61 11.23 -40.83
CA GLY A 667 -7.69 10.78 -39.95
C GLY A 667 -7.68 9.27 -39.86
N VAL A 668 -7.79 8.76 -38.64
CA VAL A 668 -7.73 7.33 -38.36
C VAL A 668 -9.01 6.91 -37.66
N VAL A 669 -9.50 5.73 -38.02
CA VAL A 669 -10.65 5.13 -37.36
C VAL A 669 -10.16 3.88 -36.65
N PRO A 670 -9.85 3.94 -35.35
CA PRO A 670 -9.15 2.83 -34.71
C PRO A 670 -10.01 1.59 -34.59
N GLN A 671 -9.36 0.49 -34.22
CA GLN A 671 -10.07 -0.77 -34.03
C GLN A 671 -11.08 -0.66 -32.90
N ASP A 672 -10.70 -0.06 -31.79
CA ASP A 672 -11.57 0.10 -30.63
C ASP A 672 -11.49 1.54 -30.15
N THR A 673 -12.55 2.30 -30.39
CA THR A 673 -12.59 3.69 -29.98
C THR A 673 -12.57 3.78 -28.46
N VAL A 674 -11.89 4.80 -27.93
CA VAL A 674 -11.73 5.00 -26.50
C VAL A 674 -12.45 6.27 -26.10
N LEU A 675 -13.22 6.20 -25.01
CA LEU A 675 -13.92 7.34 -24.46
C LEU A 675 -13.39 7.63 -23.06
N PHE A 676 -13.20 8.91 -22.75
CA PHE A 676 -12.72 9.32 -21.45
C PHE A 676 -13.90 9.50 -20.50
N ASN A 677 -13.59 9.86 -19.25
CA ASN A 677 -14.61 10.06 -18.23
C ASN A 677 -15.11 11.50 -18.32
N ASP A 678 -16.04 11.73 -19.24
CA ASP A 678 -16.60 13.05 -19.48
C ASP A 678 -17.93 12.89 -20.20
N THR A 679 -18.48 14.00 -20.69
CA THR A 679 -19.82 14.00 -21.26
C THR A 679 -19.77 13.66 -22.75
N ILE A 680 -20.93 13.72 -23.41
CA ILE A 680 -20.97 13.51 -24.85
C ILE A 680 -20.33 14.67 -25.58
N ALA A 681 -20.53 15.90 -25.08
CA ALA A 681 -20.06 17.07 -25.81
C ALA A 681 -18.56 17.02 -26.01
N ASP A 682 -17.81 16.82 -24.94
CA ASP A 682 -16.35 16.90 -24.99
C ASP A 682 -15.71 15.58 -25.37
N ASN A 683 -16.50 14.55 -25.64
CA ASN A 683 -15.96 13.33 -26.23
C ASN A 683 -15.98 13.39 -27.76
N ILE A 684 -17.07 13.90 -28.35
CA ILE A 684 -17.08 14.13 -29.79
C ILE A 684 -16.35 15.43 -30.14
N ARG A 685 -16.24 16.36 -29.21
CA ARG A 685 -15.47 17.58 -29.43
C ARG A 685 -13.97 17.36 -29.25
N TYR A 686 -13.54 16.14 -28.94
CA TYR A 686 -12.13 15.86 -28.79
C TYR A 686 -11.40 15.88 -30.13
N GLY A 687 -12.10 15.66 -31.24
CA GLY A 687 -11.46 15.79 -32.53
C GLY A 687 -11.05 17.20 -32.87
N ARG A 688 -11.69 18.19 -32.24
CA ARG A 688 -11.32 19.59 -32.43
C ARG A 688 -11.85 20.35 -31.24
N VAL A 689 -10.95 20.83 -30.37
CA VAL A 689 -11.38 21.43 -29.11
C VAL A 689 -12.21 22.68 -29.36
N THR A 690 -11.89 23.45 -30.40
CA THR A 690 -12.59 24.70 -30.70
C THR A 690 -13.80 24.39 -31.56
N ALA A 691 -14.91 24.04 -30.92
CA ALA A 691 -16.14 23.73 -31.64
C ALA A 691 -17.34 23.96 -30.74
N GLY A 692 -18.42 24.49 -31.34
CA GLY A 692 -19.64 24.75 -30.60
C GLY A 692 -20.53 23.53 -30.51
N ASN A 693 -21.61 23.66 -29.72
CA ASN A 693 -22.55 22.55 -29.58
C ASN A 693 -23.39 22.35 -30.83
N ASP A 694 -23.67 23.42 -31.57
CA ASP A 694 -24.34 23.25 -32.86
C ASP A 694 -23.50 22.41 -33.81
N GLU A 695 -22.20 22.70 -33.89
CA GLU A 695 -21.33 21.98 -34.81
C GLU A 695 -21.24 20.51 -34.45
N VAL A 696 -21.09 20.20 -33.17
CA VAL A 696 -21.00 18.79 -32.78
C VAL A 696 -22.33 18.09 -32.99
N GLU A 697 -23.45 18.80 -32.85
CA GLU A 697 -24.75 18.19 -33.12
C GLU A 697 -24.91 17.91 -34.61
N ALA A 698 -24.51 18.85 -35.46
CA ALA A 698 -24.55 18.60 -36.90
C ALA A 698 -23.67 17.41 -37.26
N ALA A 699 -22.49 17.32 -36.66
CA ALA A 699 -21.61 16.19 -36.92
C ALA A 699 -22.26 14.88 -36.49
N ALA A 700 -22.91 14.87 -35.32
CA ALA A 700 -23.61 13.67 -34.88
C ALA A 700 -24.74 13.31 -35.84
N GLN A 701 -25.46 14.31 -36.33
CA GLN A 701 -26.50 14.06 -37.31
C GLN A 701 -25.93 13.45 -38.59
N ALA A 702 -24.79 13.99 -39.06
CA ALA A 702 -24.18 13.44 -40.26
C ALA A 702 -23.70 12.01 -40.03
N ALA A 703 -23.07 11.74 -38.88
CA ALA A 703 -22.64 10.39 -38.57
C ALA A 703 -23.83 9.45 -38.46
N GLY A 704 -24.90 9.91 -37.84
CA GLY A 704 -26.10 9.12 -37.65
C GLY A 704 -26.35 8.66 -36.24
N ILE A 705 -25.80 9.33 -35.23
CA ILE A 705 -25.97 8.95 -33.84
C ILE A 705 -26.85 9.93 -33.07
N HIS A 706 -27.25 11.04 -33.68
CA HIS A 706 -27.98 12.06 -32.95
C HIS A 706 -29.26 11.52 -32.35
N ASP A 707 -29.93 10.60 -33.05
CA ASP A 707 -31.16 10.03 -32.51
C ASP A 707 -30.90 9.30 -31.19
N ALA A 708 -29.82 8.51 -31.12
CA ALA A 708 -29.49 7.85 -29.88
C ALA A 708 -29.01 8.86 -28.83
N ILE A 709 -28.36 9.94 -29.27
CA ILE A 709 -27.95 10.98 -28.33
C ILE A 709 -29.17 11.61 -27.67
N MET A 710 -30.18 11.94 -28.47
CA MET A 710 -31.41 12.48 -27.90
C MET A 710 -32.11 11.45 -27.02
N ALA A 711 -32.13 10.19 -27.45
CA ALA A 711 -32.81 9.15 -26.70
C ALA A 711 -32.13 8.84 -25.37
N PHE A 712 -30.91 9.34 -25.14
CA PHE A 712 -30.25 9.09 -23.88
C PHE A 712 -31.01 9.75 -22.73
N PRO A 713 -30.95 9.18 -21.53
CA PRO A 713 -31.78 9.73 -20.44
C PRO A 713 -31.45 11.17 -20.10
N GLU A 714 -30.18 11.48 -19.81
CA GLU A 714 -29.84 12.82 -19.35
C GLU A 714 -29.97 13.87 -20.44
N GLY A 715 -30.19 13.46 -21.68
CA GLY A 715 -30.32 14.41 -22.78
C GLY A 715 -29.12 14.42 -23.69
N TYR A 716 -28.88 15.56 -24.34
CA TYR A 716 -27.73 15.66 -25.24
C TYR A 716 -26.40 15.59 -24.50
N ARG A 717 -26.39 15.89 -23.21
CA ARG A 717 -25.16 16.04 -22.43
C ARG A 717 -25.07 14.98 -21.34
N THR A 718 -25.39 13.74 -21.68
CA THR A 718 -25.34 12.67 -20.70
C THR A 718 -23.90 12.37 -20.31
N GLN A 719 -23.75 11.57 -19.27
CA GLN A 719 -22.45 11.15 -18.77
C GLN A 719 -22.14 9.75 -19.31
N VAL A 720 -21.19 9.68 -20.24
CA VAL A 720 -20.78 8.42 -20.85
C VAL A 720 -19.28 8.25 -20.63
N GLY A 721 -18.89 7.08 -20.15
CA GLY A 721 -17.49 6.79 -19.91
C GLY A 721 -17.35 5.51 -19.11
N GLU A 722 -16.13 5.30 -18.62
CA GLU A 722 -15.89 4.15 -17.76
C GLU A 722 -16.58 4.30 -16.41
N ARG A 723 -16.74 5.54 -15.93
CA ARG A 723 -17.45 5.82 -14.69
C ARG A 723 -18.90 6.23 -14.91
N GLY A 724 -19.39 6.16 -16.16
CA GLY A 724 -20.72 6.60 -16.48
C GLY A 724 -21.46 5.57 -17.34
N LEU A 725 -22.41 6.08 -18.11
CA LEU A 725 -23.23 5.22 -18.95
C LEU A 725 -22.36 4.47 -19.95
N LYS A 726 -22.63 3.18 -20.11
CA LYS A 726 -21.90 2.36 -21.06
C LYS A 726 -22.59 2.38 -22.41
N LEU A 727 -21.79 2.22 -23.47
CA LEU A 727 -22.27 2.25 -24.84
C LEU A 727 -21.76 1.04 -25.61
N SER A 728 -22.43 0.75 -26.72
CA SER A 728 -22.14 -0.43 -27.52
C SER A 728 -21.01 -0.15 -28.50
N GLY A 729 -20.70 -1.14 -29.33
CA GLY A 729 -19.67 -0.96 -30.34
C GLY A 729 -20.08 0.05 -31.41
N GLY A 730 -21.33 -0.04 -31.89
CA GLY A 730 -21.80 0.90 -32.88
C GLY A 730 -21.88 2.32 -32.35
N GLU A 731 -22.22 2.49 -31.07
CA GLU A 731 -22.29 3.81 -30.48
C GLU A 731 -20.93 4.50 -30.50
N LYS A 732 -19.90 3.84 -29.99
CA LYS A 732 -18.58 4.44 -29.99
C LYS A 732 -18.01 4.54 -31.40
N GLN A 733 -18.39 3.62 -32.28
CA GLN A 733 -17.92 3.69 -33.66
C GLN A 733 -18.43 4.95 -34.34
N ARG A 734 -19.71 5.27 -34.14
CA ARG A 734 -20.25 6.50 -34.73
C ARG A 734 -19.72 7.72 -34.00
N VAL A 735 -19.28 7.58 -32.75
CA VAL A 735 -18.59 8.66 -32.07
C VAL A 735 -17.29 8.98 -32.79
N ALA A 736 -16.53 7.93 -33.15
CA ALA A 736 -15.28 8.12 -33.87
C ALA A 736 -15.54 8.68 -35.27
N ILE A 737 -16.64 8.26 -35.90
CA ILE A 737 -16.99 8.82 -37.21
C ILE A 737 -17.27 10.30 -37.08
N ALA A 738 -17.99 10.71 -36.03
CA ALA A 738 -18.22 12.13 -35.80
C ALA A 738 -16.92 12.86 -35.52
N ARG A 739 -16.03 12.25 -34.72
CA ARG A 739 -14.74 12.87 -34.43
C ARG A 739 -13.99 13.18 -35.72
N THR A 740 -13.85 12.20 -36.60
CA THR A 740 -13.12 12.41 -37.84
C THR A 740 -13.90 13.27 -38.82
N ILE A 741 -15.21 13.43 -38.63
CA ILE A 741 -15.99 14.34 -39.47
C ILE A 741 -15.59 15.78 -39.18
N LEU A 742 -15.49 16.15 -37.90
CA LEU A 742 -15.10 17.50 -37.53
C LEU A 742 -13.58 17.67 -37.49
N LYS A 743 -12.81 16.59 -37.62
CA LYS A 743 -11.38 16.73 -37.78
C LYS A 743 -11.04 17.33 -39.14
N ALA A 744 -11.89 17.10 -40.13
CA ALA A 744 -11.67 17.60 -41.49
C ALA A 744 -10.31 17.17 -42.00
N PRO A 745 -10.10 15.89 -42.25
CA PRO A 745 -8.82 15.41 -42.76
C PRO A 745 -8.75 15.47 -44.28
N GLY A 746 -7.55 15.26 -44.81
CA GLY A 746 -7.36 15.19 -46.24
C GLY A 746 -7.21 13.76 -46.72
N ILE A 747 -6.44 12.97 -45.97
CA ILE A 747 -6.26 11.54 -46.24
C ILE A 747 -6.68 10.78 -44.99
N ILE A 748 -7.48 9.74 -45.17
CA ILE A 748 -8.02 8.96 -44.06
C ILE A 748 -7.41 7.56 -44.10
N LEU A 749 -6.79 7.15 -43.00
CA LEU A 749 -6.25 5.80 -42.86
C LEU A 749 -7.30 4.89 -42.23
N LEU A 750 -8.37 4.68 -42.99
CA LEU A 750 -9.52 3.95 -42.46
C LEU A 750 -9.10 2.53 -42.10
N ASP A 751 -9.40 2.13 -40.88
CA ASP A 751 -9.21 0.76 -40.42
C ASP A 751 -10.57 0.20 -40.01
N GLU A 752 -10.91 -0.97 -40.54
CA GLU A 752 -12.19 -1.59 -40.24
C GLU A 752 -12.15 -2.22 -38.85
N ALA A 753 -13.09 -1.83 -37.98
CA ALA A 753 -13.16 -2.43 -36.66
C ALA A 753 -13.74 -3.84 -36.72
N THR A 754 -14.62 -4.10 -37.69
CA THR A 754 -15.22 -5.41 -37.90
C THR A 754 -15.64 -6.06 -36.57
N SER A 755 -16.30 -5.27 -35.73
CA SER A 755 -16.81 -5.81 -34.47
C SER A 755 -17.97 -6.75 -34.68
N ALA A 756 -18.67 -6.63 -35.81
CA ALA A 756 -19.76 -7.52 -36.16
C ALA A 756 -20.84 -7.53 -35.08
N LEU A 757 -21.29 -6.32 -34.71
CA LEU A 757 -22.36 -6.20 -33.72
C LEU A 757 -23.68 -6.66 -34.32
N ASP A 758 -24.13 -5.99 -35.37
CA ASP A 758 -25.32 -6.39 -36.10
C ASP A 758 -25.08 -6.16 -37.60
N THR A 759 -25.63 -7.06 -38.41
CA THR A 759 -25.44 -6.94 -39.85
C THR A 759 -26.08 -5.66 -40.38
N SER A 760 -27.29 -5.34 -39.92
CA SER A 760 -27.91 -4.08 -40.30
C SER A 760 -27.10 -2.89 -39.78
N ASN A 761 -26.62 -2.99 -38.54
CA ASN A 761 -25.77 -1.93 -38.01
C ASN A 761 -24.47 -1.84 -38.79
N GLU A 762 -23.94 -2.98 -39.23
CA GLU A 762 -22.74 -2.96 -40.08
C GLU A 762 -23.02 -2.25 -41.40
N ARG A 763 -24.18 -2.51 -42.01
CA ARG A 763 -24.55 -1.80 -43.24
C ARG A 763 -24.70 -0.31 -42.97
N ALA A 764 -25.30 0.06 -41.84
CA ALA A 764 -25.41 1.46 -41.48
C ALA A 764 -24.04 2.09 -41.29
N ILE A 765 -23.13 1.35 -40.66
CA ILE A 765 -21.75 1.84 -40.52
C ILE A 765 -21.11 2.03 -41.88
N GLN A 766 -21.34 1.08 -42.80
CA GLN A 766 -20.78 1.22 -44.14
C GLN A 766 -21.37 2.44 -44.85
N ALA A 767 -22.68 2.66 -44.72
CA ALA A 767 -23.29 3.82 -45.36
C ALA A 767 -22.72 5.12 -44.81
N SER A 768 -22.58 5.21 -43.49
CA SER A 768 -21.92 6.38 -42.90
C SER A 768 -20.45 6.44 -43.32
N LEU A 769 -19.79 5.30 -43.40
CA LEU A 769 -18.37 5.28 -43.80
C LEU A 769 -18.20 5.82 -45.21
N ALA A 770 -19.08 5.42 -46.13
CA ALA A 770 -19.05 5.99 -47.47
C ALA A 770 -19.36 7.48 -47.44
N LYS A 771 -20.24 7.91 -46.53
CA LYS A 771 -20.56 9.33 -46.43
C LYS A 771 -19.35 10.15 -46.01
N VAL A 772 -18.58 9.64 -45.03
CA VAL A 772 -17.45 10.40 -44.52
C VAL A 772 -16.23 10.26 -45.43
N CYS A 773 -16.11 9.15 -46.15
CA CYS A 773 -14.96 8.89 -47.01
C CYS A 773 -15.19 9.32 -48.45
N ALA A 774 -16.30 10.00 -48.72
CA ALA A 774 -16.60 10.42 -50.08
C ALA A 774 -15.64 11.51 -50.54
N ASN A 775 -15.05 11.32 -51.72
CA ASN A 775 -14.17 12.32 -52.33
C ASN A 775 -12.93 12.56 -51.46
N ARG A 776 -12.28 11.47 -51.07
CA ARG A 776 -10.99 11.55 -50.40
C ARG A 776 -10.28 10.21 -50.57
N THR A 777 -9.01 10.18 -50.18
CA THR A 777 -8.15 9.02 -50.38
C THR A 777 -8.11 8.18 -49.12
N THR A 778 -8.36 6.88 -49.28
CA THR A 778 -8.43 5.95 -48.16
C THR A 778 -7.62 4.70 -48.46
N ILE A 779 -7.13 4.08 -47.40
CA ILE A 779 -6.23 2.93 -47.46
C ILE A 779 -6.89 1.77 -46.70
N VAL A 780 -8.20 1.62 -46.87
CA VAL A 780 -9.02 0.72 -46.07
C VAL A 780 -8.28 -0.57 -45.75
N VAL A 781 -8.26 -0.92 -44.47
CA VAL A 781 -7.69 -2.17 -43.99
C VAL A 781 -8.83 -2.99 -43.43
N ALA A 782 -9.09 -4.15 -44.04
CA ALA A 782 -10.23 -4.98 -43.68
C ALA A 782 -9.76 -6.37 -43.26
N HIS A 783 -10.27 -6.84 -42.12
CA HIS A 783 -10.08 -8.23 -41.73
C HIS A 783 -11.10 -9.16 -42.37
N ARG A 784 -12.09 -8.61 -43.05
CA ARG A 784 -13.06 -9.37 -43.83
C ARG A 784 -12.87 -9.01 -45.31
N LEU A 785 -13.79 -9.49 -46.14
CA LEU A 785 -13.66 -9.34 -47.58
C LEU A 785 -14.79 -8.56 -48.22
N SER A 786 -15.74 -8.05 -47.43
CA SER A 786 -16.87 -7.32 -48.00
C SER A 786 -16.42 -5.99 -48.60
N THR A 787 -15.65 -5.20 -47.83
CA THR A 787 -15.20 -3.91 -48.32
C THR A 787 -14.08 -4.05 -49.35
N VAL A 788 -13.43 -5.21 -49.44
CA VAL A 788 -12.39 -5.43 -50.43
C VAL A 788 -12.99 -5.52 -51.83
N VAL A 789 -14.29 -5.77 -51.94
CA VAL A 789 -14.93 -5.92 -53.24
C VAL A 789 -14.86 -4.62 -54.03
N ASN A 790 -15.13 -3.50 -53.36
CA ASN A 790 -15.28 -2.22 -54.04
C ASN A 790 -13.97 -1.46 -54.19
N ALA A 791 -12.86 -1.99 -53.68
CA ALA A 791 -11.60 -1.27 -53.75
C ALA A 791 -11.11 -1.19 -55.20
N ASP A 792 -10.60 -0.01 -55.58
CA ASP A 792 -10.09 0.18 -56.92
C ASP A 792 -8.81 -0.62 -57.14
N GLN A 793 -7.90 -0.58 -56.17
CA GLN A 793 -6.70 -1.41 -56.15
C GLN A 793 -6.74 -2.30 -54.92
N ILE A 794 -6.45 -3.58 -55.09
CA ILE A 794 -6.54 -4.57 -54.03
C ILE A 794 -5.18 -5.24 -53.89
N LEU A 795 -4.66 -5.27 -52.67
CA LEU A 795 -3.32 -5.78 -52.39
C LEU A 795 -3.39 -6.97 -51.45
N VAL A 796 -2.51 -7.94 -51.68
CA VAL A 796 -2.31 -9.07 -50.78
C VAL A 796 -0.86 -9.05 -50.34
N ILE A 797 -0.65 -9.09 -49.03
CA ILE A 797 0.68 -8.96 -48.42
C ILE A 797 1.13 -10.35 -48.00
N LYS A 798 2.24 -10.81 -48.57
CA LYS A 798 2.79 -12.13 -48.25
C LYS A 798 3.82 -12.01 -47.14
N ASP A 799 3.33 -11.59 -45.97
CA ASP A 799 4.15 -11.55 -44.76
C ASP A 799 5.40 -10.69 -44.95
N GLY A 800 5.25 -9.58 -45.67
CA GLY A 800 6.33 -8.61 -45.79
C GLY A 800 6.47 -8.02 -47.17
N CYS A 801 6.02 -8.76 -48.19
CA CYS A 801 6.05 -8.29 -49.56
C CYS A 801 4.69 -8.50 -50.19
N ILE A 802 4.33 -7.61 -51.12
CA ILE A 802 3.06 -7.73 -51.82
C ILE A 802 3.18 -8.79 -52.89
N VAL A 803 2.26 -9.75 -52.89
CA VAL A 803 2.34 -10.90 -53.78
C VAL A 803 1.33 -10.74 -54.91
N GLU A 804 0.17 -10.15 -54.61
CA GLU A 804 -0.90 -10.01 -55.58
C GLU A 804 -1.44 -8.60 -55.54
N ARG A 805 -1.63 -8.01 -56.71
CA ARG A 805 -2.15 -6.66 -56.83
C ARG A 805 -3.05 -6.57 -58.06
N GLY A 806 -4.15 -5.84 -57.93
CA GLY A 806 -5.07 -5.65 -59.03
C GLY A 806 -6.50 -5.45 -58.56
N ARG A 807 -7.43 -6.16 -59.20
CA ARG A 807 -8.85 -6.09 -58.86
C ARG A 807 -9.34 -7.45 -58.41
N HIS A 808 -10.48 -7.46 -57.73
CA HIS A 808 -10.95 -8.68 -57.10
C HIS A 808 -11.21 -9.78 -58.12
N GLU A 809 -11.86 -9.45 -59.24
CA GLU A 809 -12.05 -10.44 -60.29
C GLU A 809 -10.73 -10.89 -60.89
N ALA A 810 -9.81 -9.94 -61.11
CA ALA A 810 -8.51 -10.29 -61.66
C ALA A 810 -7.73 -11.19 -60.70
N LEU A 811 -7.82 -10.91 -59.39
CA LEU A 811 -7.12 -11.75 -58.42
C LEU A 811 -7.80 -13.10 -58.25
N LEU A 812 -9.13 -13.16 -58.38
CA LEU A 812 -9.81 -14.45 -58.36
C LEU A 812 -9.46 -15.28 -59.59
N SER A 813 -9.22 -14.62 -60.74
CA SER A 813 -8.78 -15.33 -61.92
C SER A 813 -7.34 -15.81 -61.78
N ARG A 814 -6.50 -15.06 -61.06
CA ARG A 814 -5.15 -15.53 -60.80
C ARG A 814 -5.16 -16.79 -59.94
N GLY A 815 -6.13 -16.90 -59.03
CA GLY A 815 -6.33 -18.13 -58.29
C GLY A 815 -5.19 -18.50 -57.34
N GLY A 816 -4.68 -17.53 -56.60
CA GLY A 816 -3.68 -17.83 -55.57
C GLY A 816 -4.34 -18.08 -54.23
N VAL A 817 -3.72 -17.61 -53.15
CA VAL A 817 -4.36 -17.70 -51.84
C VAL A 817 -5.65 -16.89 -51.83
N TYR A 818 -5.78 -15.92 -52.73
CA TYR A 818 -6.98 -15.09 -52.78
C TYR A 818 -8.22 -15.93 -53.02
N ALA A 819 -8.15 -16.86 -53.98
CA ALA A 819 -9.35 -17.58 -54.41
C ALA A 819 -9.87 -18.49 -53.30
N ASP A 820 -9.00 -19.32 -52.72
CA ASP A 820 -9.47 -20.30 -51.73
C ASP A 820 -9.80 -19.64 -50.41
N MET A 821 -9.09 -18.57 -50.04
CA MET A 821 -9.43 -17.87 -48.81
C MET A 821 -10.76 -17.13 -48.95
N TRP A 822 -11.06 -16.63 -50.15
CA TRP A 822 -12.38 -16.05 -50.40
C TRP A 822 -13.47 -17.11 -50.35
N GLN A 823 -13.21 -18.29 -50.92
CA GLN A 823 -14.19 -19.37 -50.87
C GLN A 823 -14.41 -19.83 -49.43
N LEU A 824 -13.34 -19.91 -48.63
CA LEU A 824 -13.49 -20.34 -47.25
C LEU A 824 -14.29 -19.32 -46.44
N GLN A 825 -13.95 -18.04 -46.56
CA GLN A 825 -14.63 -17.02 -45.76
C GLN A 825 -16.01 -16.67 -46.30
N GLN A 826 -16.32 -16.99 -47.55
CA GLN A 826 -17.66 -16.78 -48.08
C GLN A 826 -18.60 -17.95 -47.80
N GLY A 827 -18.10 -19.05 -47.26
CA GLY A 827 -18.92 -20.20 -46.95
C GLY A 827 -18.13 -21.35 -46.36
N SER B 237 -26.33 0.30 28.97
CA SER B 237 -26.33 -0.36 27.63
C SER B 237 -24.96 -0.27 26.99
N THR B 238 -24.69 0.83 26.29
CA THR B 238 -23.39 1.02 25.67
C THR B 238 -22.29 1.16 26.72
N TRP B 239 -22.62 1.71 27.88
CA TRP B 239 -21.62 1.82 28.95
C TRP B 239 -21.29 0.44 29.52
N ARG B 240 -22.29 -0.44 29.61
CA ARG B 240 -22.04 -1.81 30.04
C ARG B 240 -21.14 -2.52 29.03
N ASP B 241 -21.38 -2.31 27.74
CA ASP B 241 -20.51 -2.91 26.72
C ASP B 241 -19.09 -2.37 26.84
N PHE B 242 -18.94 -1.06 27.10
CA PHE B 242 -17.62 -0.50 27.31
C PHE B 242 -16.95 -1.13 28.53
N GLY B 243 -17.71 -1.35 29.60
CA GLY B 243 -17.13 -2.01 30.76
C GLY B 243 -16.67 -3.42 30.46
N ARG B 244 -17.44 -4.15 29.65
CA ARG B 244 -17.02 -5.49 29.24
C ARG B 244 -15.76 -5.43 28.39
N LYS B 245 -15.68 -4.44 27.49
CA LYS B 245 -14.47 -4.26 26.69
C LYS B 245 -13.27 -3.98 27.58
N LEU B 246 -13.45 -3.13 28.60
CA LEU B 246 -12.36 -2.88 29.54
C LEU B 246 -11.99 -4.15 30.31
N ARG B 247 -13.00 -4.94 30.71
CA ARG B 247 -12.70 -6.20 31.38
C ARG B 247 -11.90 -7.13 30.49
N LEU B 248 -12.27 -7.21 29.20
CA LEU B 248 -11.51 -8.05 28.29
C LEU B 248 -10.09 -7.55 28.11
N LEU B 249 -9.90 -6.23 28.04
CA LEU B 249 -8.55 -5.69 27.98
C LEU B 249 -7.76 -6.04 29.24
N SER B 250 -8.39 -5.93 30.41
CA SER B 250 -7.72 -6.31 31.64
C SER B 250 -7.35 -7.78 31.64
N GLY B 251 -8.24 -8.63 31.15
CA GLY B 251 -7.91 -10.04 31.03
C GLY B 251 -6.76 -10.30 30.08
N TYR B 252 -6.68 -9.53 28.99
CA TYR B 252 -5.55 -9.67 28.08
C TYR B 252 -4.26 -9.15 28.69
N LEU B 253 -4.35 -8.14 29.57
CA LEU B 253 -3.15 -7.53 30.14
C LEU B 253 -2.37 -8.51 31.00
N TRP B 254 -3.05 -9.16 31.95
CA TRP B 254 -2.36 -9.93 32.97
C TRP B 254 -1.92 -11.27 32.41
N PRO B 255 -0.63 -11.62 32.46
CA PRO B 255 -0.20 -12.97 32.06
C PRO B 255 -0.72 -14.00 33.05
N ARG B 256 -1.55 -14.92 32.56
CA ARG B 256 -2.19 -15.89 33.43
C ARG B 256 -1.23 -16.99 33.87
N GLY B 257 -0.34 -17.42 32.99
CA GLY B 257 0.51 -18.56 33.29
C GLY B 257 1.91 -18.22 33.76
N SER B 258 2.58 -17.31 33.06
CA SER B 258 3.99 -17.07 33.34
C SER B 258 4.14 -16.37 34.68
N PRO B 259 4.98 -16.88 35.60
CA PRO B 259 5.17 -16.19 36.88
C PRO B 259 6.17 -15.06 36.83
N ALA B 260 7.08 -15.06 35.86
CA ALA B 260 8.06 -13.99 35.77
C ALA B 260 7.48 -12.72 35.18
N LEU B 261 6.53 -12.83 34.25
CA LEU B 261 5.96 -11.64 33.64
C LEU B 261 5.07 -10.88 34.62
N GLN B 262 4.47 -11.58 35.57
CA GLN B 262 3.73 -10.89 36.62
C GLN B 262 4.66 -9.99 37.44
N LEU B 263 5.84 -10.49 37.75
CA LEU B 263 6.83 -9.64 38.43
C LEU B 263 7.29 -8.50 37.53
N VAL B 264 7.36 -8.74 36.22
CA VAL B 264 7.81 -7.69 35.31
C VAL B 264 6.82 -6.54 35.28
N VAL B 265 5.52 -6.85 35.18
CA VAL B 265 4.53 -5.78 35.13
C VAL B 265 4.45 -5.06 36.48
N LEU B 266 4.60 -5.79 37.58
CA LEU B 266 4.61 -5.14 38.88
C LEU B 266 5.80 -4.19 39.00
N ILE B 267 6.96 -4.60 38.51
CA ILE B 267 8.11 -3.70 38.49
C ILE B 267 7.84 -2.51 37.59
N CYS B 268 7.16 -2.74 36.47
CA CYS B 268 6.87 -1.64 35.54
C CYS B 268 5.98 -0.60 36.19
N LEU B 269 4.96 -1.02 36.93
CA LEU B 269 4.10 -0.07 37.64
C LEU B 269 4.90 0.70 38.68
N GLY B 270 5.79 0.02 39.39
CA GLY B 270 6.64 0.72 40.34
C GLY B 270 7.48 1.79 39.69
N LEU B 271 8.04 1.49 38.51
CA LEU B 271 8.81 2.49 37.79
C LEU B 271 7.95 3.66 37.35
N MET B 272 6.69 3.40 36.99
CA MET B 272 5.79 4.49 36.63
C MET B 272 5.56 5.43 37.81
N GLY B 273 5.31 4.87 38.99
CA GLY B 273 5.16 5.72 40.16
C GLY B 273 6.42 6.48 40.49
N LEU B 274 7.58 5.83 40.38
CA LEU B 274 8.84 6.52 40.62
C LEU B 274 9.03 7.67 39.64
N GLU B 275 8.66 7.47 38.37
CA GLU B 275 8.82 8.54 37.39
C GLU B 275 7.93 9.73 37.71
N ARG B 276 6.76 9.48 38.29
CA ARG B 276 5.91 10.59 38.75
C ARG B 276 6.61 11.35 39.87
N ALA B 277 7.23 10.64 40.81
CA ALA B 277 7.94 11.30 41.90
C ALA B 277 9.11 12.13 41.37
N LEU B 278 9.82 11.63 40.38
CA LEU B 278 10.94 12.38 39.80
C LEU B 278 10.47 13.69 39.20
N ASN B 279 9.34 13.66 38.49
CA ASN B 279 8.87 14.86 37.81
C ASN B 279 8.54 15.97 38.80
N VAL B 280 8.01 15.62 39.97
CA VAL B 280 7.66 16.63 40.96
C VAL B 280 8.85 17.02 41.83
N LEU B 281 9.92 16.22 41.84
CA LEU B 281 11.07 16.48 42.69
C LEU B 281 12.14 17.32 42.04
N VAL B 282 12.26 17.26 40.71
CA VAL B 282 13.33 18.00 40.03
C VAL B 282 13.24 19.49 40.29
N PRO B 283 12.11 20.17 40.07
CA PRO B 283 12.07 21.62 40.30
C PRO B 283 12.37 22.02 41.72
N ILE B 284 12.02 21.20 42.71
CA ILE B 284 12.33 21.54 44.10
C ILE B 284 13.83 21.64 44.29
N PHE B 285 14.59 20.74 43.66
CA PHE B 285 16.04 20.82 43.76
C PHE B 285 16.59 22.01 43.00
N TYR B 286 15.98 22.36 41.86
CA TYR B 286 16.41 23.54 41.13
C TYR B 286 16.16 24.80 41.95
N ARG B 287 15.03 24.86 42.65
CA ARG B 287 14.78 25.97 43.58
C ARG B 287 15.83 26.00 44.68
N ASN B 288 16.19 24.84 45.21
CA ASN B 288 17.17 24.80 46.28
C ASN B 288 18.52 25.34 45.83
N ILE B 289 18.93 24.98 44.61
CA ILE B 289 20.21 25.47 44.09
C ILE B 289 20.19 26.99 43.99
N VAL B 290 19.12 27.55 43.41
CA VAL B 290 19.06 28.99 43.21
C VAL B 290 19.01 29.72 44.54
N ASN B 291 18.23 29.20 45.50
CA ASN B 291 18.19 29.83 46.81
C ASN B 291 19.54 29.77 47.51
N LEU B 292 20.34 28.75 47.24
CA LEU B 292 21.68 28.68 47.83
C LEU B 292 22.62 29.68 47.16
N LEU B 293 22.49 29.87 45.85
CA LEU B 293 23.34 30.85 45.17
C LEU B 293 22.99 32.27 45.58
N THR B 294 21.70 32.57 45.73
CA THR B 294 21.29 33.94 46.04
C THR B 294 21.85 34.39 47.38
N GLU B 295 22.06 33.47 48.30
CA GLU B 295 22.79 33.74 49.53
C GLU B 295 24.21 33.20 49.38
N LYS B 296 25.04 33.46 50.38
CA LYS B 296 26.47 33.13 50.31
C LYS B 296 26.74 31.76 50.92
N ALA B 297 26.17 30.74 50.29
CA ALA B 297 26.38 29.38 50.76
C ALA B 297 27.78 28.89 50.38
N PRO B 298 28.42 28.09 51.24
CA PRO B 298 29.76 27.60 50.91
C PRO B 298 29.76 26.62 49.75
N TRP B 299 30.94 26.43 49.18
CA TRP B 299 31.11 25.51 48.05
C TRP B 299 30.91 24.06 48.46
N ASN B 300 31.05 23.74 49.75
CA ASN B 300 30.97 22.35 50.18
C ASN B 300 29.58 21.78 49.97
N SER B 301 28.55 22.47 50.48
CA SER B 301 27.18 21.98 50.32
C SER B 301 26.64 22.25 48.92
N LEU B 302 27.13 23.30 48.26
CA LEU B 302 26.66 23.62 46.92
C LEU B 302 27.06 22.54 45.93
N ALA B 303 28.25 21.96 46.09
CA ALA B 303 28.72 20.95 45.15
C ALA B 303 27.83 19.71 45.17
N TRP B 304 27.47 19.24 46.36
CA TRP B 304 26.62 18.05 46.46
C TRP B 304 25.21 18.34 45.99
N THR B 305 24.70 19.55 46.24
CA THR B 305 23.37 19.89 45.78
C THR B 305 23.29 19.94 44.26
N VAL B 306 24.31 20.49 43.62
CA VAL B 306 24.31 20.57 42.16
C VAL B 306 24.43 19.19 41.54
N THR B 307 25.32 18.35 42.06
CA THR B 307 25.47 17.00 41.53
C THR B 307 24.20 16.19 41.74
N SER B 308 23.58 16.32 42.91
CA SER B 308 22.34 15.60 43.17
C SER B 308 21.26 16.01 42.18
N TYR B 309 21.14 17.30 41.90
CA TYR B 309 20.12 17.77 40.97
C TYR B 309 20.35 17.21 39.57
N VAL B 310 21.61 17.22 39.11
CA VAL B 310 21.89 16.76 37.76
C VAL B 310 21.66 15.25 37.66
N PHE B 311 22.04 14.50 38.69
CA PHE B 311 21.71 13.08 38.71
C PHE B 311 20.20 12.88 38.70
N LEU B 312 19.48 13.69 39.46
CA LEU B 312 18.02 13.62 39.47
C LEU B 312 17.45 13.97 38.10
N LYS B 313 18.02 14.98 37.44
CA LYS B 313 17.59 15.34 36.09
C LYS B 313 17.91 14.22 35.10
N PHE B 314 19.04 13.55 35.28
CA PHE B 314 19.41 12.45 34.38
C PHE B 314 18.41 11.32 34.46
N LEU B 315 17.93 10.99 35.66
CA LEU B 315 16.90 9.96 35.79
C LEU B 315 15.60 10.40 35.14
N GLN B 316 15.19 11.66 35.35
CA GLN B 316 13.94 12.15 34.76
C GLN B 316 14.07 12.28 33.25
N GLY B 317 15.16 12.89 32.77
CA GLY B 317 15.36 13.06 31.35
C GLY B 317 14.65 14.24 30.73
N GLY B 318 14.06 15.12 31.54
CA GLY B 318 13.40 16.29 30.99
C GLY B 318 12.06 15.93 30.37
N GLY B 319 11.58 16.85 29.53
CA GLY B 319 10.29 16.66 28.90
C GLY B 319 10.35 15.78 27.67
N THR B 320 9.58 16.13 26.64
CA THR B 320 9.56 15.34 25.42
C THR B 320 10.92 15.38 24.74
N GLY B 321 11.40 14.23 24.31
CA GLY B 321 12.72 14.12 23.72
C GLY B 321 13.79 13.86 24.76
N SER B 322 14.75 13.00 24.42
CA SER B 322 15.81 12.61 25.34
C SER B 322 15.21 12.04 26.63
N THR B 323 14.52 10.93 26.48
CA THR B 323 13.82 10.32 27.61
C THR B 323 14.82 9.84 28.66
N GLY B 324 14.37 9.83 29.92
CA GLY B 324 15.23 9.54 31.03
C GLY B 324 15.53 8.07 31.19
N PHE B 325 16.33 7.77 32.21
CA PHE B 325 16.72 6.38 32.47
C PHE B 325 15.52 5.53 32.88
N VAL B 326 14.65 6.07 33.73
CA VAL B 326 13.53 5.27 34.21
C VAL B 326 12.57 4.94 33.07
N SER B 327 12.24 5.93 32.24
CA SER B 327 11.33 5.67 31.13
C SER B 327 11.91 4.66 30.15
N ASN B 328 13.20 4.78 29.84
CA ASN B 328 13.83 3.83 28.92
C ASN B 328 13.85 2.42 29.52
N LEU B 329 14.15 2.31 30.82
CA LEU B 329 14.14 1.00 31.46
C LEU B 329 12.73 0.41 31.47
N ARG B 330 11.71 1.23 31.71
CA ARG B 330 10.34 0.75 31.68
C ARG B 330 9.96 0.28 30.29
N THR B 331 10.35 1.02 29.26
CA THR B 331 10.06 0.60 27.89
C THR B 331 10.81 -0.66 27.52
N PHE B 332 12.05 -0.80 27.99
CA PHE B 332 12.85 -1.99 27.70
C PHE B 332 12.22 -3.23 28.31
N LEU B 333 11.67 -3.12 29.51
CA LEU B 333 11.08 -4.27 30.18
C LEU B 333 9.71 -4.64 29.59
N TRP B 334 8.96 -3.66 29.09
CA TRP B 334 7.62 -3.94 28.59
C TRP B 334 7.64 -4.73 27.28
N ILE B 335 8.81 -4.91 26.65
CA ILE B 335 8.85 -5.59 25.36
C ILE B 335 8.39 -7.04 25.52
N ARG B 336 8.88 -7.73 26.53
CA ARG B 336 8.53 -9.13 26.70
C ARG B 336 7.05 -9.30 26.95
N VAL B 337 6.44 -8.41 27.75
CA VAL B 337 5.03 -8.55 28.06
C VAL B 337 4.17 -8.32 26.82
N GLN B 338 4.49 -7.29 26.03
CA GLN B 338 3.68 -7.03 24.85
C GLN B 338 3.88 -8.11 23.79
N GLN B 339 5.08 -8.67 23.69
CA GLN B 339 5.28 -9.80 22.79
C GLN B 339 4.45 -11.00 23.21
N PHE B 340 4.40 -11.29 24.50
CA PHE B 340 3.67 -12.47 24.98
C PHE B 340 2.18 -12.35 24.68
N THR B 341 1.60 -11.18 24.97
CA THR B 341 0.17 -11.00 24.72
C THR B 341 -0.13 -10.96 23.24
N SER B 342 0.75 -10.36 22.44
CA SER B 342 0.54 -10.33 21.00
C SER B 342 0.57 -11.75 20.42
N ARG B 343 1.49 -12.58 20.90
CA ARG B 343 1.55 -13.96 20.43
C ARG B 343 0.30 -14.74 20.83
N ARG B 344 -0.19 -14.53 22.05
CA ARG B 344 -1.35 -15.28 22.52
C ARG B 344 -2.60 -14.93 21.73
N VAL B 345 -2.83 -13.64 21.48
CA VAL B 345 -4.02 -13.25 20.73
C VAL B 345 -3.91 -13.71 19.28
N GLU B 346 -2.71 -13.65 18.70
CA GLU B 346 -2.52 -14.10 17.32
C GLU B 346 -2.86 -15.58 17.18
N LEU B 347 -2.41 -16.41 18.12
CA LEU B 347 -2.69 -17.83 18.04
C LEU B 347 -4.16 -18.13 18.30
N LEU B 348 -4.80 -17.34 19.17
CA LEU B 348 -6.22 -17.52 19.42
C LEU B 348 -7.03 -17.26 18.17
N ILE B 349 -6.73 -16.16 17.47
CA ILE B 349 -7.45 -15.83 16.24
C ILE B 349 -7.21 -16.89 15.18
N PHE B 350 -5.94 -17.29 15.00
CA PHE B 350 -5.62 -18.27 13.96
C PHE B 350 -6.31 -19.60 14.23
N SER B 351 -6.31 -20.06 15.48
CA SER B 351 -6.97 -21.31 15.80
C SER B 351 -8.48 -21.22 15.55
N HIS B 352 -9.09 -20.10 15.89
CA HIS B 352 -10.51 -19.92 15.63
C HIS B 352 -10.80 -19.93 14.13
N LEU B 353 -9.97 -19.24 13.35
CA LEU B 353 -10.19 -19.18 11.90
C LEU B 353 -10.19 -20.58 11.29
N HIS B 354 -9.24 -21.42 11.73
CA HIS B 354 -9.22 -22.80 11.26
C HIS B 354 -10.38 -23.62 11.80
N GLU B 355 -10.99 -23.19 12.90
CA GLU B 355 -12.05 -23.95 13.53
C GLU B 355 -13.41 -23.71 12.89
N LEU B 356 -13.52 -22.76 11.97
CA LEU B 356 -14.78 -22.43 11.33
C LEU B 356 -15.12 -23.49 10.28
N SER B 357 -16.15 -23.23 9.49
CA SER B 357 -16.66 -24.19 8.52
C SER B 357 -16.18 -23.87 7.11
N LEU B 358 -16.40 -24.82 6.21
CA LEU B 358 -15.98 -24.64 4.82
C LEU B 358 -16.80 -23.56 4.13
N ARG B 359 -18.10 -23.52 4.40
CA ARG B 359 -18.97 -22.58 3.72
C ARG B 359 -18.53 -21.15 3.98
N TRP B 360 -18.18 -20.83 5.24
CA TRP B 360 -17.72 -19.50 5.55
C TRP B 360 -16.44 -19.17 4.81
N HIS B 361 -15.53 -20.13 4.70
CA HIS B 361 -14.25 -19.87 4.03
C HIS B 361 -14.44 -19.63 2.54
N LEU B 362 -15.37 -20.34 1.91
CA LEU B 362 -15.66 -20.07 0.51
C LEU B 362 -16.32 -18.71 0.34
N GLY B 363 -17.16 -18.30 1.29
CA GLY B 363 -17.88 -17.05 1.16
C GLY B 363 -16.97 -15.84 1.22
N ARG B 364 -15.96 -15.87 2.07
CA ARG B 364 -15.12 -14.72 2.37
C ARG B 364 -13.72 -14.91 1.82
N ARG B 365 -13.12 -13.82 1.34
CA ARG B 365 -11.73 -13.85 0.91
C ARG B 365 -10.81 -13.74 2.11
N THR B 366 -9.75 -14.55 2.10
CA THR B 366 -8.89 -14.66 3.28
C THR B 366 -7.99 -13.45 3.48
N GLY B 367 -7.62 -12.75 2.42
CA GLY B 367 -6.65 -11.67 2.56
C GLY B 367 -7.12 -10.58 3.50
N GLU B 368 -8.37 -10.13 3.33
CA GLU B 368 -8.90 -9.10 4.23
C GLU B 368 -9.06 -9.62 5.65
N VAL B 369 -9.30 -10.92 5.82
CA VAL B 369 -9.41 -11.49 7.16
C VAL B 369 -8.08 -11.40 7.88
N LEU B 370 -6.99 -11.74 7.19
CA LEU B 370 -5.66 -11.61 7.79
C LEU B 370 -5.37 -10.14 8.12
N ARG B 371 -5.76 -9.23 7.24
CA ARG B 371 -5.56 -7.80 7.50
C ARG B 371 -6.32 -7.37 8.74
N ILE B 372 -7.57 -7.84 8.90
CA ILE B 372 -8.33 -7.53 10.10
C ILE B 372 -7.65 -8.12 11.33
N ALA B 373 -7.14 -9.35 11.21
CA ALA B 373 -6.54 -10.01 12.36
C ALA B 373 -5.31 -9.25 12.85
N ASP B 374 -4.37 -8.94 11.94
CA ASP B 374 -3.16 -8.26 12.36
C ASP B 374 -3.47 -6.85 12.86
N ARG B 375 -4.39 -6.15 12.21
CA ARG B 375 -4.77 -4.83 12.69
C ARG B 375 -5.38 -4.90 14.08
N GLY B 376 -6.20 -5.93 14.33
CA GLY B 376 -6.78 -6.07 15.64
C GLY B 376 -5.74 -6.31 16.73
N THR B 377 -4.77 -7.18 16.45
CA THR B 377 -3.74 -7.48 17.44
C THR B 377 -2.88 -6.25 17.72
N SER B 378 -2.46 -5.55 16.66
CA SER B 378 -1.69 -4.32 16.85
C SER B 378 -2.52 -3.28 17.58
N SER B 379 -3.81 -3.19 17.26
CA SER B 379 -4.68 -2.24 17.95
C SER B 379 -4.77 -2.56 19.44
N VAL B 380 -4.90 -3.83 19.79
CA VAL B 380 -5.05 -4.22 21.19
C VAL B 380 -3.81 -3.84 21.99
N THR B 381 -2.64 -4.23 21.50
CA THR B 381 -1.41 -3.95 22.23
C THR B 381 -1.11 -2.46 22.27
N GLY B 382 -1.33 -1.76 21.16
CA GLY B 382 -1.07 -0.32 21.14
C GLY B 382 -2.01 0.44 22.06
N LEU B 383 -3.30 0.09 22.02
CA LEU B 383 -4.27 0.76 22.89
C LEU B 383 -3.96 0.50 24.36
N LEU B 384 -3.61 -0.75 24.69
CA LEU B 384 -3.30 -1.09 26.07
C LEU B 384 -2.11 -0.27 26.59
N SER B 385 -1.03 -0.20 25.80
CA SER B 385 0.15 0.52 26.24
C SER B 385 -0.13 2.01 26.38
N TYR B 386 -0.82 2.60 25.40
CA TYR B 386 -1.07 4.03 25.43
C TYR B 386 -1.94 4.42 26.62
N LEU B 387 -2.99 3.65 26.91
CA LEU B 387 -3.92 4.02 27.97
C LEU B 387 -3.26 3.92 29.34
N VAL B 388 -2.40 2.93 29.55
CA VAL B 388 -1.84 2.70 30.88
C VAL B 388 -0.58 3.52 31.16
N PHE B 389 0.13 3.96 30.12
CA PHE B 389 1.43 4.60 30.28
C PHE B 389 1.47 6.07 29.88
N ASN B 390 0.46 6.56 29.18
CA ASN B 390 0.52 7.90 28.60
C ASN B 390 -0.62 8.81 29.05
N VAL B 391 -1.84 8.29 29.14
CA VAL B 391 -2.98 9.13 29.49
C VAL B 391 -3.12 9.22 31.00
N ILE B 392 -3.26 8.08 31.68
CA ILE B 392 -3.47 8.10 33.12
C ILE B 392 -2.28 8.72 33.85
N PRO B 393 -1.03 8.34 33.56
CA PRO B 393 0.08 8.95 34.31
C PRO B 393 0.09 10.47 34.21
N THR B 394 -0.22 11.01 33.04
CA THR B 394 -0.20 12.46 32.87
C THR B 394 -1.39 13.13 33.55
N LEU B 395 -2.56 12.49 33.52
CA LEU B 395 -3.68 13.01 34.29
C LEU B 395 -3.34 13.07 35.77
N ALA B 396 -2.65 12.06 36.27
CA ALA B 396 -2.13 12.12 37.63
C ALA B 396 -1.10 13.23 37.77
N ASP B 397 -0.26 13.41 36.76
CA ASP B 397 0.76 14.45 36.83
C ASP B 397 0.14 15.84 36.93
N ILE B 398 -0.92 16.09 36.18
CA ILE B 398 -1.58 17.39 36.23
C ILE B 398 -2.26 17.59 37.58
N ILE B 399 -2.91 16.54 38.10
CA ILE B 399 -3.56 16.66 39.41
C ILE B 399 -2.53 16.92 40.48
N ILE B 400 -1.38 16.23 40.41
CA ILE B 400 -0.33 16.44 41.40
C ILE B 400 0.20 17.86 41.33
N GLY B 401 0.40 18.38 40.11
CA GLY B 401 0.89 19.74 39.97
C GLY B 401 -0.06 20.77 40.56
N ILE B 402 -1.36 20.61 40.30
CA ILE B 402 -2.34 21.53 40.84
C ILE B 402 -2.36 21.47 42.36
N ILE B 403 -2.31 20.25 42.92
CA ILE B 403 -2.33 20.10 44.37
C ILE B 403 -1.09 20.74 44.99
N TYR B 404 0.08 20.54 44.39
CA TYR B 404 1.30 21.12 44.94
C TYR B 404 1.25 22.63 44.93
N PHE B 405 0.82 23.22 43.82
CA PHE B 405 0.78 24.68 43.72
C PHE B 405 -0.24 25.27 44.69
N SER B 406 -1.38 24.62 44.86
CA SER B 406 -2.40 25.15 45.75
C SER B 406 -1.96 25.08 47.21
N MET B 407 -1.18 24.08 47.58
CA MET B 407 -0.80 23.87 48.98
C MET B 407 0.46 24.65 49.35
N PHE B 408 1.56 24.43 48.62
CA PHE B 408 2.86 24.96 48.99
C PHE B 408 3.16 26.32 48.37
N PHE B 409 2.30 26.83 47.50
CA PHE B 409 2.30 28.21 47.06
C PHE B 409 0.97 28.83 47.48
N ASN B 410 0.73 30.07 47.07
CA ASN B 410 -0.60 30.60 47.27
C ASN B 410 -1.58 29.84 46.37
N ALA B 411 -2.83 29.75 46.82
CA ALA B 411 -3.80 28.97 46.05
C ALA B 411 -4.12 29.62 44.72
N TRP B 412 -3.70 30.87 44.53
CA TRP B 412 -3.93 31.51 43.23
C TRP B 412 -3.21 30.76 42.13
N PHE B 413 -1.99 30.28 42.39
CA PHE B 413 -1.25 29.59 41.35
C PHE B 413 -1.92 28.29 40.95
N GLY B 414 -2.58 27.62 41.89
CA GLY B 414 -3.40 26.47 41.53
C GLY B 414 -4.55 26.84 40.61
N LEU B 415 -5.19 27.98 40.88
CA LEU B 415 -6.26 28.45 40.02
C LEU B 415 -5.75 28.77 38.63
N ILE B 416 -4.57 29.39 38.54
CA ILE B 416 -4.04 29.81 37.24
C ILE B 416 -3.75 28.59 36.37
N VAL B 417 -3.09 27.58 36.95
CA VAL B 417 -2.78 26.39 36.17
C VAL B 417 -4.03 25.62 35.81
N PHE B 418 -5.01 25.57 36.71
CA PHE B 418 -6.25 24.87 36.39
C PHE B 418 -6.98 25.53 35.22
N LEU B 419 -7.06 26.86 35.24
CA LEU B 419 -7.70 27.57 34.14
C LEU B 419 -6.93 27.37 32.84
N CYS B 420 -5.59 27.35 32.91
CA CYS B 420 -4.80 27.18 31.70
C CYS B 420 -5.05 25.81 31.07
N MET B 421 -5.08 24.75 31.88
CA MET B 421 -5.31 23.42 31.34
C MET B 421 -6.74 23.28 30.80
N SER B 422 -7.72 23.85 31.49
CA SER B 422 -9.10 23.79 31.00
C SER B 422 -9.22 24.48 29.65
N LEU B 423 -8.69 25.69 29.55
CA LEU B 423 -8.75 26.42 28.29
C LEU B 423 -7.93 25.72 27.21
N TYR B 424 -6.77 25.19 27.56
CA TYR B 424 -5.91 24.55 26.57
C TYR B 424 -6.61 23.35 25.94
N LEU B 425 -7.21 22.48 26.76
CA LEU B 425 -7.86 21.29 26.23
C LEU B 425 -9.14 21.64 25.49
N THR B 426 -9.94 22.57 26.04
CA THR B 426 -11.20 22.92 25.40
C THR B 426 -10.96 23.50 24.01
N LEU B 427 -9.95 24.35 23.88
CA LEU B 427 -9.67 24.96 22.58
C LEU B 427 -9.13 23.94 21.58
N THR B 428 -8.30 23.00 22.05
CA THR B 428 -7.80 21.96 21.16
C THR B 428 -8.93 21.08 20.66
N ILE B 429 -9.90 20.77 21.53
CA ILE B 429 -11.01 19.90 21.15
C ILE B 429 -11.87 20.57 20.09
N VAL B 430 -12.23 21.83 20.29
CA VAL B 430 -13.15 22.52 19.40
C VAL B 430 -12.51 22.91 18.07
N VAL B 431 -11.19 22.88 17.97
CA VAL B 431 -10.50 23.28 16.75
C VAL B 431 -10.14 22.06 15.92
N THR B 432 -9.89 20.94 16.60
CA THR B 432 -9.44 19.74 15.88
C THR B 432 -10.53 19.21 14.96
N GLU B 433 -11.80 19.25 15.40
CA GLU B 433 -12.88 18.81 14.53
C GLU B 433 -13.02 19.71 13.31
N TRP B 434 -12.86 21.02 13.49
CA TRP B 434 -12.89 21.94 12.36
C TRP B 434 -11.74 21.65 11.40
N ARG B 435 -10.56 21.37 11.93
CA ARG B 435 -9.41 21.10 11.08
C ARG B 435 -9.60 19.83 10.27
N THR B 436 -10.14 18.78 10.88
CA THR B 436 -10.29 17.52 10.16
C THR B 436 -11.40 17.58 9.12
N LYS B 437 -12.39 18.45 9.32
CA LYS B 437 -13.39 18.68 8.29
C LYS B 437 -12.75 19.19 7.01
N PHE B 438 -11.83 20.14 7.14
CA PHE B 438 -11.05 20.60 5.98
C PHE B 438 -10.16 19.50 5.44
N ARG B 439 -9.65 18.64 6.32
CA ARG B 439 -8.71 17.60 5.89
C ARG B 439 -9.39 16.53 5.06
N ARG B 440 -10.68 16.29 5.28
CA ARG B 440 -11.34 15.14 4.67
C ARG B 440 -11.40 15.26 3.16
N ALA B 441 -11.87 16.40 2.64
CA ALA B 441 -12.07 16.52 1.20
C ALA B 441 -10.76 16.62 0.44
N MET B 442 -9.64 16.88 1.11
CA MET B 442 -8.37 16.95 0.42
C MET B 442 -8.00 15.61 -0.19
N ASN B 443 -8.23 14.52 0.54
CA ASN B 443 -7.87 13.20 0.03
C ASN B 443 -8.68 12.85 -1.21
N THR B 444 -9.98 13.14 -1.20
CA THR B 444 -10.81 12.81 -2.35
C THR B 444 -10.35 13.54 -3.60
N GLN B 445 -10.03 14.83 -3.47
CA GLN B 445 -9.53 15.58 -4.62
C GLN B 445 -8.19 15.02 -5.09
N GLU B 446 -7.31 14.64 -4.16
CA GLU B 446 -6.02 14.06 -4.55
C GLU B 446 -6.22 12.79 -5.35
N ASN B 447 -7.17 11.95 -4.95
CA ASN B 447 -7.45 10.74 -5.71
C ASN B 447 -8.05 11.06 -7.07
N ALA B 448 -8.85 12.12 -7.17
CA ALA B 448 -9.49 12.45 -8.43
C ALA B 448 -8.48 13.00 -9.44
N THR B 449 -7.48 13.76 -8.98
CA THR B 449 -6.52 14.37 -9.90
C THR B 449 -5.67 13.31 -10.60
N ARG B 450 -5.08 12.40 -9.83
CA ARG B 450 -4.20 11.41 -10.42
C ARG B 450 -4.95 10.44 -11.32
N ALA B 451 -6.24 10.21 -11.05
CA ALA B 451 -7.02 9.35 -11.91
C ALA B 451 -7.12 9.93 -13.33
N ARG B 452 -7.34 11.24 -13.44
CA ARG B 452 -7.34 11.88 -14.74
C ARG B 452 -5.96 11.82 -15.39
N ALA B 453 -4.91 12.00 -14.59
CA ALA B 453 -3.55 11.97 -15.13
C ALA B 453 -3.23 10.61 -15.73
N VAL B 454 -3.50 9.53 -14.98
CA VAL B 454 -3.14 8.20 -15.46
C VAL B 454 -4.03 7.78 -16.62
N ASP B 455 -5.29 8.21 -16.63
CA ASP B 455 -6.15 7.94 -17.79
C ASP B 455 -5.65 8.67 -19.03
N SER B 456 -5.07 9.86 -18.85
CA SER B 456 -4.51 10.58 -19.98
C SER B 456 -3.34 9.83 -20.60
N LEU B 457 -2.47 9.27 -19.76
CA LEU B 457 -1.26 8.62 -20.25
C LEU B 457 -1.54 7.21 -20.76
N LEU B 458 -2.57 6.54 -20.22
CA LEU B 458 -2.84 5.17 -20.66
C LEU B 458 -3.33 5.13 -22.10
N ASN B 459 -4.13 6.10 -22.50
CA ASN B 459 -4.66 6.15 -23.87
C ASN B 459 -3.75 6.99 -24.76
N PHE B 460 -2.47 6.60 -24.78
CA PHE B 460 -1.46 7.38 -25.48
C PHE B 460 -1.73 7.45 -26.97
N GLU B 461 -2.19 6.35 -27.56
CA GLU B 461 -2.39 6.34 -29.01
C GLU B 461 -3.45 7.33 -29.45
N THR B 462 -4.56 7.42 -28.72
CA THR B 462 -5.61 8.36 -29.10
C THR B 462 -5.16 9.80 -28.93
N VAL B 463 -4.40 10.09 -27.87
CA VAL B 463 -3.89 11.44 -27.68
C VAL B 463 -3.03 11.86 -28.86
N LYS B 464 -2.13 10.98 -29.29
CA LYS B 464 -1.33 11.27 -30.48
C LYS B 464 -2.19 11.34 -31.74
N TYR B 465 -3.31 10.63 -31.76
CA TYR B 465 -4.16 10.65 -32.94
C TYR B 465 -4.75 12.03 -33.18
N TYR B 466 -5.30 12.65 -32.13
CA TYR B 466 -6.08 13.87 -32.27
C TYR B 466 -5.31 15.12 -31.89
N ASN B 467 -4.02 15.00 -31.57
CA ASN B 467 -3.17 16.15 -31.27
C ASN B 467 -3.72 16.93 -30.07
N ALA B 468 -3.71 16.29 -28.91
CA ALA B 468 -4.26 16.87 -27.70
C ALA B 468 -3.28 16.75 -26.54
N GLU B 469 -2.00 17.04 -26.80
CA GLU B 469 -1.04 17.10 -25.71
C GLU B 469 -1.19 18.40 -24.93
N SER B 470 -1.34 19.53 -25.62
CA SER B 470 -1.56 20.79 -24.93
C SER B 470 -2.91 20.79 -24.20
N TYR B 471 -3.93 20.22 -24.83
CA TYR B 471 -5.25 20.17 -24.18
C TYR B 471 -5.19 19.37 -22.89
N GLU B 472 -4.47 18.25 -22.89
CA GLU B 472 -4.47 17.40 -21.71
C GLU B 472 -3.59 17.94 -20.59
N VAL B 473 -2.49 18.62 -20.92
CA VAL B 473 -1.69 19.24 -19.87
C VAL B 473 -2.46 20.40 -19.25
N GLU B 474 -3.28 21.10 -20.04
CA GLU B 474 -4.13 22.14 -19.47
C GLU B 474 -5.14 21.56 -18.48
N ARG B 475 -5.77 20.44 -18.85
CA ARG B 475 -6.70 19.80 -17.93
C ARG B 475 -5.98 19.32 -16.66
N TYR B 476 -4.77 18.79 -16.80
CA TYR B 476 -4.03 18.36 -15.63
C TYR B 476 -3.68 19.52 -14.73
N ARG B 477 -3.30 20.66 -15.31
CA ARG B 477 -2.92 21.80 -14.49
C ARG B 477 -4.13 22.39 -13.77
N GLU B 478 -5.31 22.34 -14.40
CA GLU B 478 -6.52 22.81 -13.72
C GLU B 478 -6.87 21.92 -12.55
N ALA B 479 -6.79 20.60 -12.72
CA ALA B 479 -7.03 19.69 -11.61
C ALA B 479 -6.00 19.90 -10.51
N ILE B 480 -4.75 20.15 -10.88
CA ILE B 480 -3.72 20.45 -9.88
C ILE B 480 -4.10 21.71 -9.12
N ILE B 481 -4.57 22.74 -9.83
CA ILE B 481 -4.89 24.00 -9.18
C ILE B 481 -5.96 23.82 -8.12
N LYS B 482 -6.99 23.03 -8.42
CA LYS B 482 -8.02 22.75 -7.43
C LYS B 482 -7.43 22.03 -6.23
N TYR B 483 -6.55 21.05 -6.46
CA TYR B 483 -5.96 20.33 -5.35
C TYR B 483 -5.10 21.26 -4.50
N GLN B 484 -4.39 22.19 -5.13
CA GLN B 484 -3.61 23.16 -4.36
C GLN B 484 -4.51 23.99 -3.48
N GLY B 485 -5.68 24.38 -3.98
CA GLY B 485 -6.61 25.15 -3.16
C GLY B 485 -7.04 24.42 -1.91
N LEU B 486 -7.37 23.13 -2.04
CA LEU B 486 -7.72 22.34 -0.86
C LEU B 486 -6.53 22.22 0.08
N GLU B 487 -5.33 22.03 -0.47
CA GLU B 487 -4.14 21.96 0.37
C GLU B 487 -3.98 23.23 1.21
N TRP B 488 -4.20 24.39 0.61
CA TRP B 488 -4.03 25.63 1.33
C TRP B 488 -5.03 25.75 2.48
N LYS B 489 -6.28 25.36 2.25
CA LYS B 489 -7.27 25.40 3.32
C LYS B 489 -6.82 24.55 4.51
N SER B 490 -6.37 23.32 4.24
CA SER B 490 -5.95 22.43 5.32
C SER B 490 -4.73 22.98 6.05
N SER B 491 -3.73 23.46 5.31
CA SER B 491 -2.51 23.95 5.95
C SER B 491 -2.78 25.20 6.77
N ALA B 492 -3.61 26.11 6.25
CA ALA B 492 -3.94 27.31 7.01
C ALA B 492 -4.64 26.97 8.31
N SER B 493 -5.55 25.99 8.27
CA SER B 493 -6.24 25.59 9.49
C SER B 493 -5.27 25.06 10.53
N LEU B 494 -4.31 24.23 10.10
CA LEU B 494 -3.34 23.69 11.04
C LEU B 494 -2.51 24.81 11.66
N VAL B 495 -2.12 25.80 10.88
CA VAL B 495 -1.36 26.92 11.41
C VAL B 495 -2.16 27.67 12.46
N LEU B 496 -3.45 27.87 12.21
CA LEU B 496 -4.29 28.53 13.21
C LEU B 496 -4.33 27.73 14.51
N LEU B 497 -4.45 26.42 14.40
CA LEU B 497 -4.50 25.59 15.61
C LEU B 497 -3.23 25.75 16.42
N ASN B 498 -2.06 25.68 15.77
CA ASN B 498 -0.81 25.82 16.51
C ASN B 498 -0.69 27.20 17.14
N GLN B 499 -1.08 28.24 16.41
CA GLN B 499 -0.98 29.59 16.95
C GLN B 499 -1.90 29.76 18.16
N THR B 500 -3.10 29.19 18.10
CA THR B 500 -4.02 29.30 19.24
C THR B 500 -3.43 28.63 20.48
N GLN B 501 -2.87 27.43 20.32
CA GLN B 501 -2.26 26.75 21.47
C GLN B 501 -1.09 27.55 22.02
N ASN B 502 -0.21 28.04 21.14
CA ASN B 502 0.93 28.84 21.60
C ASN B 502 0.45 30.08 22.34
N LEU B 503 -0.59 30.75 21.84
CA LEU B 503 -1.09 31.95 22.50
C LEU B 503 -1.61 31.64 23.89
N VAL B 504 -2.36 30.55 24.05
CA VAL B 504 -2.91 30.21 25.36
C VAL B 504 -1.78 29.95 26.35
N ILE B 505 -0.74 29.24 25.91
CA ILE B 505 0.42 29.00 26.77
C ILE B 505 1.06 30.32 27.18
N GLY B 506 1.21 31.24 26.22
CA GLY B 506 1.84 32.52 26.54
C GLY B 506 1.07 33.32 27.57
N LEU B 507 -0.26 33.38 27.43
CA LEU B 507 -1.07 34.14 28.38
C LEU B 507 -0.98 33.54 29.77
N GLY B 508 -1.01 32.21 29.87
CA GLY B 508 -0.87 31.58 31.18
C GLY B 508 0.49 31.84 31.80
N LEU B 509 1.55 31.75 30.99
CA LEU B 509 2.88 32.04 31.50
C LEU B 509 3.01 33.49 31.94
N LEU B 510 2.37 34.41 31.20
CA LEU B 510 2.42 35.82 31.58
C LEU B 510 1.78 36.05 32.93
N ALA B 511 0.60 35.48 33.15
CA ALA B 511 -0.12 35.70 34.40
C ALA B 511 0.67 35.17 35.59
N GLY B 512 1.22 33.97 35.47
CA GLY B 512 1.98 33.40 36.57
C GLY B 512 3.27 34.15 36.84
N SER B 513 4.00 34.50 35.78
CA SER B 513 5.28 35.18 35.95
C SER B 513 5.12 36.52 36.64
N LEU B 514 4.12 37.31 36.22
CA LEU B 514 3.91 38.61 36.83
C LEU B 514 3.46 38.49 38.28
N LEU B 515 2.59 37.53 38.58
CA LEU B 515 2.15 37.33 39.96
C LEU B 515 3.31 36.87 40.83
N CYS B 516 4.11 35.92 40.33
CA CYS B 516 5.25 35.43 41.11
C CYS B 516 6.28 36.53 41.31
N ALA B 517 6.51 37.36 40.28
CA ALA B 517 7.43 38.48 40.42
C ALA B 517 6.96 39.46 41.48
N TYR B 518 5.65 39.72 41.54
CA TYR B 518 5.15 40.62 42.57
C TYR B 518 5.34 40.06 43.96
N PHE B 519 5.05 38.78 44.15
CA PHE B 519 5.13 38.20 45.48
C PHE B 519 6.56 38.12 45.98
N VAL B 520 7.51 37.79 45.11
CA VAL B 520 8.91 37.80 45.52
C VAL B 520 9.41 39.22 45.76
N THR B 521 8.77 40.21 45.14
CA THR B 521 9.11 41.60 45.40
C THR B 521 8.70 41.99 46.83
N GLU B 522 7.57 41.49 47.30
CA GLU B 522 7.03 41.86 48.60
C GLU B 522 7.47 40.90 49.71
N GLN B 523 8.58 40.19 49.52
CA GLN B 523 9.15 39.33 50.56
C GLN B 523 8.16 38.28 51.04
N LYS B 524 7.42 37.68 50.11
CA LYS B 524 6.54 36.56 50.42
C LYS B 524 6.99 35.25 49.80
N LEU B 525 7.65 35.30 48.65
CA LEU B 525 8.31 34.16 48.04
C LEU B 525 9.80 34.46 47.94
N GLN B 526 10.55 33.45 47.53
CA GLN B 526 11.99 33.60 47.37
C GLN B 526 12.35 33.57 45.89
N VAL B 527 13.60 33.91 45.59
CA VAL B 527 13.99 34.02 44.20
C VAL B 527 13.92 32.67 43.50
N GLY B 528 14.12 31.58 44.24
CA GLY B 528 14.06 30.27 43.65
C GLY B 528 12.66 29.86 43.24
N ASP B 529 11.63 30.44 43.85
CA ASP B 529 10.27 30.11 43.47
C ASP B 529 9.94 30.59 42.06
N TYR B 530 10.55 31.69 41.62
CA TYR B 530 10.28 32.18 40.27
C TYR B 530 10.71 31.17 39.22
N VAL B 531 11.90 30.58 39.39
CA VAL B 531 12.38 29.60 38.42
C VAL B 531 11.66 28.27 38.59
N LEU B 532 11.25 27.95 39.82
CA LEU B 532 10.49 26.73 40.03
C LEU B 532 9.18 26.76 39.26
N PHE B 533 8.48 27.89 39.30
CA PHE B 533 7.24 28.03 38.54
C PHE B 533 7.52 27.98 37.04
N GLY B 534 8.57 28.66 36.59
CA GLY B 534 8.86 28.69 35.17
C GLY B 534 9.16 27.32 34.59
N THR B 535 9.94 26.52 35.32
CA THR B 535 10.29 25.20 34.82
C THR B 535 9.11 24.23 34.93
N TYR B 536 8.34 24.30 36.01
CA TYR B 536 7.30 23.33 36.23
C TYR B 536 6.12 23.53 35.29
N ILE B 537 5.75 24.78 35.00
CA ILE B 537 4.59 25.01 34.14
C ILE B 537 4.88 24.56 32.72
N ILE B 538 6.11 24.77 32.23
CA ILE B 538 6.48 24.27 30.92
C ILE B 538 6.54 22.75 30.94
N GLN B 539 6.98 22.17 32.05
CA GLN B 539 6.98 20.72 32.19
C GLN B 539 5.56 20.16 32.10
N LEU B 540 4.58 20.91 32.59
CA LEU B 540 3.19 20.46 32.53
C LEU B 540 2.60 20.64 31.14
N TYR B 541 2.96 21.71 30.43
CA TYR B 541 2.38 21.97 29.12
C TYR B 541 2.89 20.99 28.06
N MET B 542 4.16 20.59 28.15
CA MET B 542 4.77 19.84 27.06
C MET B 542 4.01 18.58 26.68
N PRO B 543 3.58 17.73 27.62
CA PRO B 543 2.88 16.49 27.21
C PRO B 543 1.61 16.75 26.42
N LEU B 544 0.91 17.86 26.68
CA LEU B 544 -0.38 18.07 26.02
C LEU B 544 -0.27 18.37 24.53
N ASN B 545 0.94 18.49 23.99
CA ASN B 545 1.06 18.84 22.58
C ASN B 545 0.58 17.71 21.68
N TRP B 546 0.71 16.47 22.11
CA TRP B 546 0.32 15.32 21.30
C TRP B 546 -1.13 14.91 21.51
N PHE B 547 -1.95 15.76 22.12
CA PHE B 547 -3.34 15.38 22.39
C PHE B 547 -4.09 15.12 21.10
N GLY B 548 -3.86 15.95 20.08
CA GLY B 548 -4.53 15.72 18.81
C GLY B 548 -4.14 14.40 18.16
N THR B 549 -2.85 14.04 18.23
CA THR B 549 -2.38 12.84 17.55
C THR B 549 -3.02 11.58 18.13
N TYR B 550 -3.07 11.46 19.45
CA TYR B 550 -3.72 10.30 20.04
C TYR B 550 -5.23 10.36 19.86
N TYR B 551 -5.81 11.56 19.81
CA TYR B 551 -7.25 11.66 19.61
C TYR B 551 -7.67 11.12 18.25
N ARG B 552 -6.90 11.42 17.21
CA ARG B 552 -7.19 10.90 15.88
C ARG B 552 -6.69 9.47 15.70
N MET B 553 -5.86 8.97 16.60
CA MET B 553 -5.38 7.60 16.55
C MET B 553 -6.25 6.65 17.35
N ILE B 554 -6.76 7.09 18.49
CA ILE B 554 -7.51 6.20 19.36
C ILE B 554 -8.81 5.77 18.69
N GLN B 555 -9.42 6.64 17.89
CA GLN B 555 -10.67 6.28 17.22
C GLN B 555 -10.44 5.15 16.21
N THR B 556 -9.40 5.27 15.38
CA THR B 556 -9.08 4.18 14.46
C THR B 556 -8.72 2.92 15.21
N ASN B 557 -8.02 3.06 16.34
CA ASN B 557 -7.64 1.89 17.12
C ASN B 557 -8.87 1.15 17.64
N PHE B 558 -9.87 1.89 18.12
CA PHE B 558 -11.03 1.26 18.73
C PHE B 558 -11.90 0.56 17.69
N ILE B 559 -12.10 1.17 16.52
CA ILE B 559 -12.91 0.54 15.49
C ILE B 559 -12.23 -0.71 14.97
N ASP B 560 -10.90 -0.69 14.84
CA ASP B 560 -10.17 -1.89 14.46
C ASP B 560 -10.39 -2.99 15.49
N MET B 561 -10.33 -2.64 16.78
CA MET B 561 -10.55 -3.63 17.83
C MET B 561 -11.96 -4.19 17.77
N GLU B 562 -12.96 -3.34 17.53
CA GLU B 562 -14.32 -3.84 17.39
C GLU B 562 -14.46 -4.73 16.18
N ASN B 563 -13.77 -4.39 15.08
CA ASN B 563 -13.82 -5.24 13.89
C ASN B 563 -13.24 -6.61 14.18
N MET B 564 -12.14 -6.67 14.93
CA MET B 564 -11.56 -7.96 15.31
C MET B 564 -12.54 -8.75 16.17
N PHE B 565 -13.16 -8.11 17.15
CA PHE B 565 -14.15 -8.81 17.98
C PHE B 565 -15.30 -9.32 17.13
N ASP B 566 -15.72 -8.52 16.14
CA ASP B 566 -16.76 -9.00 15.23
C ASP B 566 -16.30 -10.25 14.49
N LEU B 567 -15.03 -10.28 14.09
CA LEU B 567 -14.50 -11.46 13.41
C LEU B 567 -14.54 -12.68 14.33
N LEU B 568 -14.18 -12.51 15.60
CA LEU B 568 -14.22 -13.63 16.54
C LEU B 568 -15.65 -13.99 16.97
N LYS B 569 -16.63 -13.12 16.69
CA LYS B 569 -18.00 -13.40 17.11
C LYS B 569 -18.63 -14.54 16.31
N GLU B 570 -18.11 -14.84 15.13
CA GLU B 570 -18.71 -15.87 14.30
C GLU B 570 -18.54 -17.25 14.92
N GLU B 571 -19.48 -18.14 14.63
CA GLU B 571 -19.50 -19.49 15.15
C GLU B 571 -19.52 -20.49 14.00
N THR B 572 -19.18 -21.73 14.32
CA THR B 572 -19.17 -22.79 13.30
C THR B 572 -20.60 -23.16 12.91
N GLU B 573 -20.83 -23.28 11.61
CA GLU B 573 -22.15 -23.71 11.13
C GLU B 573 -22.38 -25.18 11.43
N VAL B 574 -21.36 -26.01 11.22
CA VAL B 574 -21.44 -27.45 11.45
C VAL B 574 -20.75 -27.72 12.78
N LYS B 575 -21.54 -27.98 13.82
CA LYS B 575 -21.04 -28.15 15.17
C LYS B 575 -21.06 -29.62 15.57
N ASP B 576 -20.13 -29.99 16.44
CA ASP B 576 -20.16 -31.31 17.07
C ASP B 576 -21.21 -31.35 18.15
N LEU B 577 -21.92 -32.47 18.23
CA LEU B 577 -22.96 -32.61 19.24
C LEU B 577 -22.33 -32.77 20.63
N PRO B 578 -23.09 -32.47 21.68
CA PRO B 578 -22.53 -32.63 23.03
C PRO B 578 -22.04 -34.03 23.31
N GLY B 579 -22.64 -35.05 22.70
CA GLY B 579 -22.16 -36.40 22.86
C GLY B 579 -20.76 -36.54 22.29
N ALA B 580 -20.63 -36.42 20.97
CA ALA B 580 -19.33 -36.40 20.31
C ALA B 580 -18.47 -37.58 20.74
N GLY B 581 -19.05 -38.77 20.71
CA GLY B 581 -18.32 -39.97 21.05
C GLY B 581 -17.39 -40.40 19.95
N PRO B 582 -16.53 -41.38 20.22
CA PRO B 582 -15.65 -41.90 19.18
C PRO B 582 -16.42 -42.75 18.18
N LEU B 583 -15.71 -43.40 17.26
CA LEU B 583 -16.33 -44.18 16.20
C LEU B 583 -16.11 -45.67 16.45
N ARG B 584 -17.18 -46.45 16.35
CA ARG B 584 -17.10 -47.91 16.43
C ARG B 584 -16.85 -48.52 15.07
N PHE B 585 -15.83 -48.03 14.37
CA PHE B 585 -15.52 -48.50 13.01
C PHE B 585 -14.76 -49.82 13.11
N GLN B 586 -15.38 -50.91 12.66
CA GLN B 586 -14.76 -52.23 12.70
C GLN B 586 -14.35 -52.70 11.31
N LYS B 587 -15.27 -52.76 10.37
CA LYS B 587 -14.94 -53.12 8.99
C LYS B 587 -15.34 -52.04 8.00
N GLY B 588 -16.51 -51.44 8.17
CA GLY B 588 -16.89 -50.28 7.39
C GLY B 588 -17.89 -50.55 6.29
N ARG B 589 -19.15 -50.22 6.53
CA ARG B 589 -20.18 -50.19 5.52
C ARG B 589 -20.55 -48.74 5.21
N ILE B 590 -21.23 -48.54 4.09
CA ILE B 590 -21.72 -47.23 3.67
C ILE B 590 -23.19 -47.38 3.30
N GLU B 591 -24.04 -46.49 3.82
CA GLU B 591 -25.46 -46.51 3.52
C GLU B 591 -25.97 -45.08 3.42
N PHE B 592 -26.34 -44.66 2.22
CA PHE B 592 -27.13 -43.46 2.01
C PHE B 592 -28.59 -43.85 1.87
N GLU B 593 -29.49 -42.99 2.34
CA GLU B 593 -30.92 -43.26 2.26
C GLU B 593 -31.67 -41.94 2.27
N ASN B 594 -32.39 -41.66 1.18
CA ASN B 594 -33.26 -40.49 1.05
C ASN B 594 -32.59 -39.24 1.62
N VAL B 595 -31.45 -38.89 1.02
CA VAL B 595 -30.68 -37.71 1.41
C VAL B 595 -31.10 -36.56 0.49
N HIS B 596 -31.96 -35.68 1.01
CA HIS B 596 -32.45 -34.53 0.24
C HIS B 596 -31.64 -33.28 0.62
N PHE B 597 -30.38 -33.25 0.20
CA PHE B 597 -29.48 -32.17 0.61
C PHE B 597 -29.87 -30.90 -0.13
N SER B 598 -30.32 -29.89 0.61
CA SER B 598 -30.68 -28.60 0.04
C SER B 598 -29.42 -27.74 0.00
N TYR B 599 -28.77 -27.68 -1.15
CA TYR B 599 -27.50 -26.97 -1.28
C TYR B 599 -27.77 -25.48 -1.41
N ALA B 600 -27.15 -24.70 -0.53
CA ALA B 600 -27.34 -23.25 -0.56
C ALA B 600 -26.57 -22.63 -1.72
N ASP B 601 -27.00 -21.42 -2.10
CA ASP B 601 -26.38 -20.64 -3.16
C ASP B 601 -26.01 -21.51 -4.36
N GLY B 602 -26.91 -22.43 -4.73
CA GLY B 602 -26.66 -23.28 -5.87
C GLY B 602 -27.95 -23.92 -6.34
N ARG B 603 -28.02 -24.17 -7.64
CA ARG B 603 -29.20 -24.77 -8.26
C ARG B 603 -29.14 -26.29 -8.31
N GLU B 604 -28.02 -26.89 -7.91
CA GLU B 604 -27.83 -28.33 -7.96
C GLU B 604 -27.94 -28.90 -6.56
N THR B 605 -28.99 -29.69 -6.33
CA THR B 605 -29.21 -30.39 -5.08
C THR B 605 -29.28 -31.89 -5.37
N LEU B 606 -29.57 -32.68 -4.34
CA LEU B 606 -29.71 -34.12 -4.47
C LEU B 606 -30.99 -34.55 -3.77
N GLN B 607 -31.85 -35.25 -4.49
CA GLN B 607 -33.16 -35.67 -4.00
C GLN B 607 -33.25 -37.19 -4.08
N ASP B 608 -33.47 -37.85 -2.95
CA ASP B 608 -33.70 -39.29 -2.90
C ASP B 608 -32.54 -40.07 -3.53
N VAL B 609 -31.39 -39.99 -2.88
CA VAL B 609 -30.25 -40.84 -3.20
C VAL B 609 -30.10 -41.87 -2.10
N SER B 610 -30.04 -43.15 -2.49
CA SER B 610 -30.01 -44.23 -1.51
C SER B 610 -29.31 -45.44 -2.11
N PHE B 611 -28.18 -45.81 -1.52
CA PHE B 611 -27.42 -46.97 -1.98
C PHE B 611 -26.53 -47.45 -0.84
N THR B 612 -26.13 -48.72 -0.93
CA THR B 612 -25.31 -49.37 0.08
C THR B 612 -24.06 -49.95 -0.57
N VAL B 613 -22.93 -49.86 0.14
CA VAL B 613 -21.66 -50.40 -0.33
C VAL B 613 -21.09 -51.31 0.76
N MET B 614 -21.01 -52.61 0.45
CA MET B 614 -20.43 -53.56 1.37
C MET B 614 -18.91 -53.43 1.39
N PRO B 615 -18.26 -53.92 2.44
CA PRO B 615 -16.79 -53.81 2.51
C PRO B 615 -16.12 -54.53 1.36
N GLY B 616 -15.01 -53.98 0.90
CA GLY B 616 -14.25 -54.60 -0.17
C GLY B 616 -14.97 -54.63 -1.50
N GLN B 617 -15.59 -53.53 -1.89
CA GLN B 617 -16.38 -53.46 -3.11
C GLN B 617 -16.05 -52.14 -3.82
N THR B 618 -16.84 -51.81 -4.83
CA THR B 618 -16.71 -50.55 -5.54
C THR B 618 -18.09 -49.98 -5.80
N LEU B 619 -18.12 -48.67 -6.06
CA LEU B 619 -19.33 -48.01 -6.55
C LEU B 619 -18.88 -46.82 -7.38
N ALA B 620 -19.08 -46.90 -8.69
CA ALA B 620 -18.67 -45.83 -9.59
C ALA B 620 -19.71 -44.72 -9.56
N LEU B 621 -19.28 -43.52 -9.17
CA LEU B 621 -20.17 -42.37 -9.07
C LEU B 621 -20.10 -41.54 -10.35
N VAL B 622 -20.42 -42.18 -11.46
CA VAL B 622 -20.32 -41.56 -12.78
C VAL B 622 -21.68 -41.00 -13.16
N GLY B 623 -21.67 -40.05 -14.09
CA GLY B 623 -22.88 -39.46 -14.59
C GLY B 623 -22.62 -38.17 -15.33
N PRO B 624 -23.69 -37.43 -15.63
CA PRO B 624 -23.51 -36.14 -16.32
C PRO B 624 -22.75 -35.15 -15.44
N SER B 625 -22.07 -34.23 -16.11
CA SER B 625 -21.22 -33.26 -15.43
C SER B 625 -22.10 -32.30 -14.63
N GLY B 626 -22.18 -32.53 -13.32
CA GLY B 626 -22.93 -31.67 -12.43
C GLY B 626 -22.27 -31.58 -11.07
N ALA B 627 -22.80 -30.70 -10.24
CA ALA B 627 -22.27 -30.51 -8.90
C ALA B 627 -22.71 -31.59 -7.92
N GLY B 628 -23.62 -32.48 -8.33
CA GLY B 628 -24.12 -33.51 -7.44
C GLY B 628 -23.13 -34.61 -7.14
N LYS B 629 -22.10 -34.76 -7.98
CA LYS B 629 -21.10 -35.80 -7.73
C LYS B 629 -20.21 -35.43 -6.54
N SER B 630 -19.46 -34.33 -6.66
CA SER B 630 -18.57 -33.93 -5.58
C SER B 630 -19.34 -33.58 -4.31
N THR B 631 -20.62 -33.22 -4.42
CA THR B 631 -21.41 -32.96 -3.22
C THR B 631 -21.55 -34.22 -2.38
N ILE B 632 -21.59 -35.39 -3.01
CA ILE B 632 -21.68 -36.64 -2.26
C ILE B 632 -20.42 -36.86 -1.45
N LEU B 633 -19.25 -36.64 -2.07
CA LEU B 633 -18.00 -36.85 -1.36
C LEU B 633 -17.85 -35.86 -0.21
N ARG B 634 -18.17 -34.59 -0.43
CA ARG B 634 -18.04 -33.60 0.62
C ARG B 634 -19.10 -33.79 1.70
N LEU B 635 -20.25 -34.37 1.35
CA LEU B 635 -21.29 -34.63 2.34
C LEU B 635 -20.95 -35.83 3.21
N LEU B 636 -20.17 -36.78 2.67
CA LEU B 636 -19.72 -37.93 3.45
C LEU B 636 -18.54 -37.57 4.35
N PHE B 637 -17.78 -36.53 4.01
CA PHE B 637 -16.73 -36.01 4.85
C PHE B 637 -17.25 -35.06 5.93
N ARG B 638 -18.55 -34.81 5.94
CA ARG B 638 -19.19 -33.86 6.86
C ARG B 638 -18.63 -32.46 6.69
N PHE B 639 -18.25 -32.10 5.45
CA PHE B 639 -17.97 -30.70 5.16
C PHE B 639 -19.23 -29.86 5.26
N TYR B 640 -20.36 -30.41 4.82
CA TYR B 640 -21.66 -29.75 4.87
C TYR B 640 -22.62 -30.58 5.70
N ASP B 641 -23.46 -29.91 6.47
CA ASP B 641 -24.37 -30.61 7.36
C ASP B 641 -25.53 -31.23 6.56
N ILE B 642 -26.08 -32.31 7.11
CA ILE B 642 -27.20 -32.97 6.49
C ILE B 642 -28.41 -32.04 6.48
N SER B 643 -29.26 -32.19 5.46
CA SER B 643 -30.51 -31.45 5.36
C SER B 643 -31.74 -32.32 5.57
N SER B 644 -31.75 -33.54 5.05
CA SER B 644 -32.86 -34.45 5.27
C SER B 644 -32.40 -35.87 4.91
N GLY B 645 -32.26 -36.72 5.91
CA GLY B 645 -31.82 -38.09 5.73
C GLY B 645 -30.77 -38.48 6.75
N CYS B 646 -30.31 -39.72 6.63
CA CYS B 646 -29.36 -40.29 7.57
C CYS B 646 -28.21 -40.95 6.82
N ILE B 647 -27.02 -40.91 7.44
CA ILE B 647 -25.81 -41.50 6.88
C ILE B 647 -25.32 -42.54 7.88
N ARG B 648 -25.15 -43.77 7.42
CA ARG B 648 -24.78 -44.90 8.28
C ARG B 648 -23.47 -45.49 7.80
N ILE B 649 -22.52 -45.65 8.72
CA ILE B 649 -21.28 -46.37 8.48
C ILE B 649 -21.20 -47.50 9.48
N ASP B 650 -21.23 -48.74 9.00
CA ASP B 650 -21.21 -49.91 9.86
C ASP B 650 -22.39 -49.88 10.84
N GLY B 651 -23.51 -49.30 10.39
CA GLY B 651 -24.70 -49.20 11.20
C GLY B 651 -24.71 -48.04 12.18
N GLN B 652 -23.67 -47.21 12.21
CA GLN B 652 -23.58 -46.07 13.11
C GLN B 652 -23.87 -44.80 12.34
N ASP B 653 -24.75 -43.96 12.89
CA ASP B 653 -25.05 -42.68 12.26
C ASP B 653 -23.90 -41.71 12.49
N ILE B 654 -23.47 -41.02 11.42
CA ILE B 654 -22.27 -40.19 11.51
C ILE B 654 -22.50 -38.86 12.19
N SER B 655 -23.77 -38.48 12.42
CA SER B 655 -24.04 -37.18 13.02
C SER B 655 -23.63 -37.15 14.50
N GLN B 656 -23.80 -38.26 15.23
CA GLN B 656 -23.50 -38.26 16.65
C GLN B 656 -21.99 -38.36 16.91
N VAL B 657 -21.26 -39.12 16.10
CA VAL B 657 -19.84 -39.29 16.33
C VAL B 657 -19.14 -37.95 16.13
N THR B 658 -17.98 -37.81 16.78
CA THR B 658 -17.22 -36.56 16.70
C THR B 658 -16.64 -36.38 15.30
N GLN B 659 -16.17 -35.16 15.04
CA GLN B 659 -15.66 -34.84 13.71
C GLN B 659 -14.37 -35.58 13.41
N ALA B 660 -13.39 -35.52 14.32
CA ALA B 660 -12.07 -36.05 14.04
C ALA B 660 -12.10 -37.57 13.88
N SER B 661 -12.83 -38.27 14.75
CA SER B 661 -12.79 -39.73 14.71
C SER B 661 -13.34 -40.26 13.39
N LEU B 662 -14.45 -39.69 12.91
CA LEU B 662 -14.99 -40.08 11.62
C LEU B 662 -14.04 -39.70 10.49
N ARG B 663 -13.51 -38.49 10.54
CA ARG B 663 -12.67 -37.96 9.48
C ARG B 663 -11.32 -38.65 9.37
N SER B 664 -10.88 -39.31 10.45
CA SER B 664 -9.58 -39.96 10.44
C SER B 664 -9.57 -41.22 9.59
N HIS B 665 -10.70 -41.91 9.48
CA HIS B 665 -10.80 -43.18 8.77
C HIS B 665 -11.14 -43.00 7.30
N ILE B 666 -11.07 -41.77 6.77
CA ILE B 666 -11.42 -41.49 5.39
C ILE B 666 -10.19 -40.93 4.68
N GLY B 667 -9.85 -41.54 3.55
CA GLY B 667 -8.76 -41.08 2.71
C GLY B 667 -9.31 -40.56 1.39
N VAL B 668 -8.83 -39.38 1.00
CA VAL B 668 -9.31 -38.69 -0.20
C VAL B 668 -8.13 -38.47 -1.13
N VAL B 669 -8.38 -38.62 -2.43
CA VAL B 669 -7.40 -38.31 -3.45
C VAL B 669 -7.94 -37.12 -4.24
N PRO B 670 -7.52 -35.90 -3.93
CA PRO B 670 -8.18 -34.72 -4.51
C PRO B 670 -7.94 -34.60 -6.00
N GLN B 671 -8.71 -33.71 -6.62
CA GLN B 671 -8.55 -33.45 -8.04
C GLN B 671 -7.18 -32.89 -8.35
N ASP B 672 -6.71 -31.94 -7.54
CA ASP B 672 -5.41 -31.30 -7.73
C ASP B 672 -4.68 -31.29 -6.39
N THR B 673 -3.69 -32.16 -6.25
CA THR B 673 -2.92 -32.21 -5.02
C THR B 673 -2.16 -30.89 -4.82
N VAL B 674 -2.06 -30.47 -3.57
CA VAL B 674 -1.42 -29.21 -3.20
C VAL B 674 -0.16 -29.51 -2.39
N LEU B 675 0.92 -28.82 -2.73
CA LEU B 675 2.19 -28.94 -2.02
C LEU B 675 2.55 -27.58 -1.41
N PHE B 676 3.06 -27.61 -0.19
CA PHE B 676 3.47 -26.40 0.51
C PHE B 676 4.92 -26.09 0.17
N ASN B 677 5.43 -24.99 0.74
CA ASN B 677 6.80 -24.54 0.50
C ASN B 677 7.71 -25.22 1.52
N ASP B 678 8.11 -26.44 1.20
CA ASP B 678 8.97 -27.23 2.07
C ASP B 678 9.60 -28.34 1.24
N THR B 679 10.29 -29.26 1.90
CA THR B 679 11.00 -30.33 1.22
C THR B 679 10.05 -31.45 0.84
N ILE B 680 10.61 -32.49 0.21
CA ILE B 680 9.82 -33.67 -0.13
C ILE B 680 9.46 -34.45 1.13
N ALA B 681 10.36 -34.49 2.11
CA ALA B 681 10.13 -35.31 3.30
C ALA B 681 8.86 -34.90 4.02
N ASP B 682 8.72 -33.62 4.33
CA ASP B 682 7.59 -33.15 5.10
C ASP B 682 6.36 -32.84 4.25
N ASN B 683 6.46 -32.99 2.92
CA ASN B 683 5.25 -32.95 2.10
C ASN B 683 4.62 -34.34 2.01
N ILE B 684 5.42 -35.39 1.88
CA ILE B 684 4.88 -36.74 1.96
C ILE B 684 4.50 -37.08 3.39
N ARG B 685 5.21 -36.51 4.36
CA ARG B 685 4.94 -36.77 5.76
C ARG B 685 3.72 -36.03 6.29
N TYR B 686 3.05 -35.24 5.45
CA TYR B 686 1.89 -34.50 5.91
C TYR B 686 0.71 -35.41 6.20
N GLY B 687 0.67 -36.61 5.63
CA GLY B 687 -0.39 -37.55 5.96
C GLY B 687 -0.30 -38.08 7.37
N ARG B 688 0.89 -38.04 7.97
CA ARG B 688 1.06 -38.45 9.36
C ARG B 688 2.36 -37.82 9.84
N VAL B 689 2.25 -36.84 10.74
CA VAL B 689 3.42 -36.06 11.13
C VAL B 689 4.46 -36.95 11.80
N THR B 690 4.03 -37.95 12.57
CA THR B 690 4.94 -38.83 13.29
C THR B 690 5.36 -39.98 12.38
N ALA B 691 6.40 -39.74 11.58
CA ALA B 691 6.88 -40.77 10.66
C ALA B 691 8.35 -40.52 10.35
N GLY B 692 9.13 -41.60 10.33
CA GLY B 692 10.54 -41.50 10.02
C GLY B 692 10.82 -41.42 8.53
N ASN B 693 12.08 -41.17 8.19
CA ASN B 693 12.45 -41.08 6.78
C ASN B 693 12.45 -42.44 6.09
N ASP B 694 12.74 -43.51 6.83
CA ASP B 694 12.61 -44.85 6.25
C ASP B 694 11.17 -45.12 5.85
N GLU B 695 10.21 -44.79 6.73
CA GLU B 695 8.82 -45.06 6.44
C GLU B 695 8.33 -44.29 5.22
N VAL B 696 8.70 -43.00 5.12
CA VAL B 696 8.27 -42.23 3.96
C VAL B 696 8.94 -42.73 2.69
N GLU B 697 10.17 -43.25 2.80
CA GLU B 697 10.82 -43.83 1.62
C GLU B 697 10.11 -45.11 1.19
N ALA B 698 9.74 -45.96 2.15
CA ALA B 698 8.99 -47.16 1.79
C ALA B 698 7.66 -46.78 1.15
N ALA B 699 6.99 -45.76 1.68
CA ALA B 699 5.73 -45.30 1.08
C ALA B 699 5.95 -44.82 -0.34
N ALA B 700 7.02 -44.06 -0.57
CA ALA B 700 7.31 -43.59 -1.92
C ALA B 700 7.60 -44.78 -2.85
N GLN B 701 8.32 -45.78 -2.35
CA GLN B 701 8.58 -46.97 -3.14
C GLN B 701 7.28 -47.68 -3.50
N ALA B 702 6.37 -47.81 -2.53
CA ALA B 702 5.09 -48.46 -2.80
C ALA B 702 4.27 -47.66 -3.81
N ALA B 703 4.23 -46.34 -3.66
CA ALA B 703 3.52 -45.51 -4.62
C ALA B 703 4.15 -45.62 -6.00
N GLY B 704 5.47 -45.64 -6.07
CA GLY B 704 6.20 -45.72 -7.31
C GLY B 704 6.90 -44.44 -7.72
N ILE B 705 7.18 -43.53 -6.80
CA ILE B 705 7.84 -42.28 -7.11
C ILE B 705 9.28 -42.21 -6.62
N HIS B 706 9.74 -43.22 -5.87
CA HIS B 706 11.07 -43.13 -5.26
C HIS B 706 12.15 -42.94 -6.31
N ASP B 707 11.99 -43.54 -7.49
CA ASP B 707 13.00 -43.39 -8.53
C ASP B 707 13.14 -41.94 -8.95
N ALA B 708 12.01 -41.23 -9.11
CA ALA B 708 12.09 -39.82 -9.43
C ALA B 708 12.60 -39.01 -8.24
N ILE B 709 12.30 -39.45 -7.01
CA ILE B 709 12.81 -38.77 -5.83
C ILE B 709 14.34 -38.84 -5.82
N MET B 710 14.89 -40.03 -6.08
CA MET B 710 16.34 -40.17 -6.14
C MET B 710 16.90 -39.36 -7.31
N ALA B 711 16.23 -39.39 -8.46
CA ALA B 711 16.71 -38.71 -9.64
C ALA B 711 16.70 -37.19 -9.49
N PHE B 712 16.03 -36.66 -8.46
CA PHE B 712 16.01 -35.22 -8.28
C PHE B 712 17.41 -34.72 -7.96
N PRO B 713 17.72 -33.47 -8.33
CA PRO B 713 19.10 -32.99 -8.16
C PRO B 713 19.56 -32.99 -6.71
N GLU B 714 18.82 -32.32 -5.83
CA GLU B 714 19.28 -32.16 -4.46
C GLU B 714 19.27 -33.46 -3.68
N GLY B 715 18.68 -34.52 -4.23
CA GLY B 715 18.63 -35.80 -3.55
C GLY B 715 17.25 -36.13 -3.02
N TYR B 716 17.20 -36.95 -1.97
CA TYR B 716 15.93 -37.34 -1.39
C TYR B 716 15.21 -36.16 -0.74
N ARG B 717 15.94 -35.11 -0.37
CA ARG B 717 15.41 -33.99 0.40
C ARG B 717 15.43 -32.70 -0.40
N THR B 718 15.05 -32.76 -1.66
CA THR B 718 15.05 -31.58 -2.51
C THR B 718 14.00 -30.59 -2.03
N GLN B 719 14.04 -29.40 -2.62
CA GLN B 719 13.10 -28.33 -2.31
C GLN B 719 12.06 -28.28 -3.43
N VAL B 720 10.83 -28.68 -3.11
CA VAL B 720 9.72 -28.70 -4.05
C VAL B 720 8.58 -27.86 -3.47
N GLY B 721 8.06 -26.95 -4.28
CA GLY B 721 6.96 -26.11 -3.85
C GLY B 721 6.74 -24.99 -4.85
N GLU B 722 5.91 -24.03 -4.43
CA GLU B 722 5.67 -22.87 -5.27
C GLU B 722 6.92 -21.99 -5.37
N ARG B 723 7.76 -21.98 -4.34
CA ARG B 723 9.01 -21.25 -4.33
C ARG B 723 10.21 -22.13 -4.66
N GLY B 724 9.99 -23.38 -5.06
CA GLY B 724 11.05 -24.31 -5.34
C GLY B 724 10.82 -25.05 -6.64
N LEU B 725 11.41 -26.25 -6.72
CA LEU B 725 11.32 -27.06 -7.91
C LEU B 725 9.87 -27.39 -8.23
N LYS B 726 9.51 -27.27 -9.51
CA LYS B 726 8.16 -27.58 -9.94
C LYS B 726 8.06 -29.04 -10.35
N LEU B 727 6.85 -29.60 -10.19
CA LEU B 727 6.61 -31.01 -10.48
C LEU B 727 5.37 -31.14 -11.37
N SER B 728 5.27 -32.29 -12.04
CA SER B 728 4.21 -32.54 -13.00
C SER B 728 2.96 -33.06 -12.30
N GLY B 729 1.93 -33.37 -13.08
CA GLY B 729 0.72 -33.92 -12.51
C GLY B 729 0.93 -35.29 -11.90
N GLY B 730 1.64 -36.17 -12.60
CA GLY B 730 1.91 -37.49 -12.07
C GLY B 730 2.78 -37.45 -10.83
N GLU B 731 3.71 -36.50 -10.76
CA GLU B 731 4.56 -36.39 -9.58
C GLU B 731 3.75 -36.09 -8.34
N LYS B 732 2.92 -35.04 -8.39
CA LYS B 732 2.10 -34.71 -7.22
C LYS B 732 1.03 -35.76 -6.97
N GLN B 733 0.54 -36.41 -8.03
CA GLN B 733 -0.45 -37.47 -7.84
C GLN B 733 0.13 -38.61 -7.03
N ARG B 734 1.35 -39.03 -7.35
CA ARG B 734 1.99 -40.09 -6.58
C ARG B 734 2.38 -39.62 -5.19
N VAL B 735 2.59 -38.31 -5.01
CA VAL B 735 2.78 -37.76 -3.67
C VAL B 735 1.52 -38.00 -2.84
N ALA B 736 0.36 -37.70 -3.41
CA ALA B 736 -0.90 -37.93 -2.71
C ALA B 736 -1.13 -39.42 -2.46
N ILE B 737 -0.72 -40.27 -3.40
CA ILE B 737 -0.83 -41.71 -3.18
C ILE B 737 0.03 -42.13 -2.01
N ALA B 738 1.24 -41.58 -1.91
CA ALA B 738 2.08 -41.88 -0.76
C ALA B 738 1.47 -41.34 0.52
N ARG B 739 0.91 -40.13 0.47
CA ARG B 739 0.26 -39.56 1.65
C ARG B 739 -0.82 -40.49 2.18
N THR B 740 -1.72 -40.94 1.30
CA THR B 740 -2.80 -41.81 1.73
C THR B 740 -2.31 -43.22 2.05
N ILE B 741 -1.12 -43.60 1.57
CA ILE B 741 -0.55 -44.88 1.95
C ILE B 741 -0.17 -44.87 3.42
N LEU B 742 0.50 -43.81 3.87
CA LEU B 742 0.87 -43.73 5.29
C LEU B 742 -0.23 -43.15 6.15
N LYS B 743 -1.33 -42.68 5.56
CA LYS B 743 -2.49 -42.31 6.36
C LYS B 743 -3.16 -43.53 6.95
N ALA B 744 -3.06 -44.68 6.28
CA ALA B 744 -3.68 -45.91 6.74
C ALA B 744 -5.17 -45.71 6.97
N PRO B 745 -5.96 -45.49 5.91
CA PRO B 745 -7.39 -45.29 6.07
C PRO B 745 -8.14 -46.62 6.04
N GLY B 746 -9.42 -46.53 6.40
CA GLY B 746 -10.29 -47.69 6.32
C GLY B 746 -11.19 -47.64 5.10
N ILE B 747 -11.74 -46.46 4.83
CA ILE B 747 -12.56 -46.20 3.65
C ILE B 747 -11.90 -45.07 2.86
N ILE B 748 -11.80 -45.25 1.55
CA ILE B 748 -11.14 -44.28 0.68
C ILE B 748 -12.19 -43.67 -0.24
N LEU B 749 -12.31 -42.34 -0.20
CA LEU B 749 -13.20 -41.61 -1.11
C LEU B 749 -12.43 -41.20 -2.35
N LEU B 750 -12.04 -42.21 -3.12
CA LEU B 750 -11.16 -42.00 -4.26
C LEU B 750 -11.87 -41.14 -5.30
N ASP B 751 -11.20 -40.06 -5.70
CA ASP B 751 -11.67 -39.20 -6.79
C ASP B 751 -10.62 -39.21 -7.89
N GLU B 752 -11.06 -39.42 -9.12
CA GLU B 752 -10.15 -39.48 -10.26
C GLU B 752 -9.77 -38.07 -10.68
N ALA B 753 -8.47 -37.79 -10.73
CA ALA B 753 -8.03 -36.47 -11.18
C ALA B 753 -8.15 -36.34 -12.70
N THR B 754 -8.01 -37.45 -13.42
CA THR B 754 -8.15 -37.50 -14.88
C THR B 754 -7.45 -36.30 -15.54
N SER B 755 -6.21 -36.04 -15.09
CA SER B 755 -5.43 -34.98 -15.71
C SER B 755 -4.99 -35.33 -17.11
N ALA B 756 -4.92 -36.63 -17.44
CA ALA B 756 -4.57 -37.10 -18.76
C ALA B 756 -3.19 -36.59 -19.19
N LEU B 757 -2.20 -36.79 -18.32
CA LEU B 757 -0.85 -36.38 -18.64
C LEU B 757 -0.26 -37.28 -19.72
N ASP B 758 -0.16 -38.58 -19.43
CA ASP B 758 0.27 -39.57 -20.41
C ASP B 758 -0.52 -40.85 -20.20
N THR B 759 -0.84 -41.52 -21.32
CA THR B 759 -1.63 -42.74 -21.22
C THR B 759 -0.87 -43.82 -20.45
N SER B 760 0.42 -43.97 -20.72
CA SER B 760 1.22 -44.91 -19.94
C SER B 760 1.30 -44.48 -18.48
N ASN B 761 1.47 -43.18 -18.24
CA ASN B 761 1.47 -42.69 -16.87
C ASN B 761 0.11 -42.91 -16.22
N GLU B 762 -0.97 -42.76 -16.99
CA GLU B 762 -2.30 -43.05 -16.47
C GLU B 762 -2.43 -44.52 -16.08
N ARG B 763 -1.91 -45.42 -16.92
CA ARG B 763 -1.93 -46.84 -16.56
C ARG B 763 -1.10 -47.09 -15.30
N ALA B 764 0.07 -46.44 -15.20
CA ALA B 764 0.88 -46.58 -14.00
C ALA B 764 0.13 -46.06 -12.78
N ILE B 765 -0.58 -44.94 -12.93
CA ILE B 765 -1.39 -44.42 -11.83
C ILE B 765 -2.48 -45.44 -11.47
N GLN B 766 -3.11 -46.05 -12.46
CA GLN B 766 -4.13 -47.06 -12.18
C GLN B 766 -3.53 -48.25 -11.44
N ALA B 767 -2.35 -48.71 -11.87
CA ALA B 767 -1.72 -49.84 -11.20
C ALA B 767 -1.40 -49.52 -9.76
N SER B 768 -0.85 -48.32 -9.51
CA SER B 768 -0.61 -47.90 -8.13
C SER B 768 -1.93 -47.70 -7.39
N LEU B 769 -2.97 -47.22 -8.10
CA LEU B 769 -4.26 -47.01 -7.45
C LEU B 769 -4.90 -48.32 -7.04
N ALA B 770 -4.78 -49.35 -7.88
CA ALA B 770 -5.23 -50.67 -7.46
C ALA B 770 -4.40 -51.19 -6.30
N LYS B 771 -3.11 -50.85 -6.26
CA LYS B 771 -2.27 -51.27 -5.15
C LYS B 771 -2.73 -50.63 -3.84
N VAL B 772 -3.06 -49.34 -3.88
CA VAL B 772 -3.45 -48.64 -2.66
C VAL B 772 -4.90 -48.90 -2.28
N CYS B 773 -5.74 -49.30 -3.22
CA CYS B 773 -7.16 -49.55 -2.97
C CYS B 773 -7.45 -51.03 -2.79
N ALA B 774 -6.43 -51.88 -2.70
CA ALA B 774 -6.67 -53.32 -2.59
C ALA B 774 -7.21 -53.65 -1.20
N ASN B 775 -8.31 -54.40 -1.18
CA ASN B 775 -8.93 -54.88 0.06
C ASN B 775 -9.38 -53.72 0.94
N ARG B 776 -10.18 -52.82 0.35
CA ARG B 776 -10.83 -51.76 1.10
C ARG B 776 -12.04 -51.29 0.28
N THR B 777 -12.75 -50.29 0.80
CA THR B 777 -13.99 -49.81 0.23
C THR B 777 -13.76 -48.46 -0.43
N THR B 778 -14.15 -48.35 -1.70
CA THR B 778 -13.94 -47.15 -2.49
C THR B 778 -15.21 -46.73 -3.20
N ILE B 779 -15.34 -45.43 -3.43
CA ILE B 779 -16.53 -44.81 -4.02
C ILE B 779 -16.10 -44.06 -5.27
N VAL B 780 -15.19 -44.67 -6.04
CA VAL B 780 -14.51 -44.02 -7.18
C VAL B 780 -15.45 -43.10 -7.92
N VAL B 781 -15.03 -41.86 -8.12
CA VAL B 781 -15.75 -40.87 -8.93
C VAL B 781 -14.88 -40.57 -10.14
N ALA B 782 -15.39 -40.87 -11.33
CA ALA B 782 -14.63 -40.73 -12.56
C ALA B 782 -15.35 -39.82 -13.54
N HIS B 783 -14.62 -38.87 -14.12
CA HIS B 783 -15.13 -38.08 -15.22
C HIS B 783 -15.00 -38.77 -16.56
N ARG B 784 -14.30 -39.90 -16.61
CA ARG B 784 -14.22 -40.76 -17.79
C ARG B 784 -14.91 -42.08 -17.48
N LEU B 785 -14.79 -43.04 -18.39
CA LEU B 785 -15.53 -44.29 -18.31
C LEU B 785 -14.61 -45.50 -18.17
N SER B 786 -13.29 -45.29 -18.11
CA SER B 786 -12.36 -46.41 -18.06
C SER B 786 -12.49 -47.18 -16.75
N THR B 787 -12.44 -46.46 -15.62
CA THR B 787 -12.55 -47.11 -14.31
C THR B 787 -13.96 -47.53 -13.98
N VAL B 788 -14.97 -46.98 -14.68
CA VAL B 788 -16.35 -47.40 -14.46
C VAL B 788 -16.57 -48.83 -14.93
N VAL B 789 -15.71 -49.35 -15.81
CA VAL B 789 -15.88 -50.70 -16.34
C VAL B 789 -15.79 -51.73 -15.22
N ASN B 790 -14.82 -51.57 -14.32
CA ASN B 790 -14.51 -52.58 -13.33
C ASN B 790 -15.33 -52.44 -12.05
N ALA B 791 -16.17 -51.42 -11.94
CA ALA B 791 -16.93 -51.22 -10.72
C ALA B 791 -17.96 -52.33 -10.52
N ASP B 792 -18.08 -52.79 -9.28
CA ASP B 792 -19.07 -53.83 -8.98
C ASP B 792 -20.48 -53.30 -9.09
N GLN B 793 -20.73 -52.11 -8.54
CA GLN B 793 -21.98 -51.39 -8.71
C GLN B 793 -21.69 -50.07 -9.41
N ILE B 794 -22.52 -49.74 -10.40
CA ILE B 794 -22.33 -48.55 -11.22
C ILE B 794 -23.59 -47.71 -11.14
N LEU B 795 -23.42 -46.43 -10.84
CA LEU B 795 -24.55 -45.52 -10.61
C LEU B 795 -24.49 -44.37 -11.60
N VAL B 796 -25.66 -43.94 -12.05
CA VAL B 796 -25.81 -42.74 -12.87
C VAL B 796 -26.75 -41.79 -12.12
N ILE B 797 -26.30 -40.56 -11.96
CA ILE B 797 -27.02 -39.55 -11.18
C ILE B 797 -27.73 -38.62 -12.16
N LYS B 798 -29.06 -38.57 -12.08
CA LYS B 798 -29.85 -37.72 -12.96
C LYS B 798 -30.11 -36.38 -12.28
N ASP B 799 -29.02 -35.63 -12.09
CA ASP B 799 -29.09 -34.26 -11.58
C ASP B 799 -29.80 -34.21 -10.23
N GLY B 800 -29.54 -35.19 -9.38
CA GLY B 800 -30.04 -35.17 -8.02
C GLY B 800 -30.60 -36.49 -7.54
N CYS B 801 -31.09 -37.31 -8.47
CA CYS B 801 -31.62 -38.63 -8.16
C CYS B 801 -30.93 -39.66 -9.04
N ILE B 802 -30.69 -40.85 -8.48
CA ILE B 802 -30.05 -41.91 -9.24
C ILE B 802 -31.07 -42.50 -10.19
N VAL B 803 -30.70 -42.59 -11.47
CA VAL B 803 -31.61 -43.05 -12.51
C VAL B 803 -31.31 -44.49 -12.92
N GLU B 804 -30.02 -44.85 -12.99
CA GLU B 804 -29.60 -46.17 -13.43
C GLU B 804 -28.60 -46.74 -12.46
N ARG B 805 -28.80 -48.02 -12.11
CA ARG B 805 -27.92 -48.71 -11.18
C ARG B 805 -27.77 -50.16 -11.61
N GLY B 806 -26.55 -50.68 -11.49
CA GLY B 806 -26.27 -52.06 -11.84
C GLY B 806 -24.85 -52.27 -12.32
N ARG B 807 -24.70 -52.97 -13.44
CA ARG B 807 -23.40 -53.26 -14.02
C ARG B 807 -23.32 -52.65 -15.42
N HIS B 808 -22.09 -52.51 -15.93
CA HIS B 808 -21.89 -51.79 -17.18
C HIS B 808 -22.61 -52.47 -18.34
N GLU B 809 -22.52 -53.79 -18.43
CA GLU B 809 -23.25 -54.50 -19.47
C GLU B 809 -24.76 -54.37 -19.28
N ALA B 810 -25.22 -54.47 -18.04
CA ALA B 810 -26.65 -54.33 -17.76
C ALA B 810 -27.14 -52.94 -18.11
N LEU B 811 -26.33 -51.91 -17.83
CA LEU B 811 -26.73 -50.54 -18.15
C LEU B 811 -26.63 -50.26 -19.65
N LEU B 812 -25.66 -50.87 -20.33
CA LEU B 812 -25.60 -50.76 -21.79
C LEU B 812 -26.80 -51.45 -22.43
N SER B 813 -27.29 -52.53 -21.83
CA SER B 813 -28.48 -53.19 -22.35
C SER B 813 -29.74 -52.38 -22.06
N ARG B 814 -29.76 -51.63 -20.95
CA ARG B 814 -30.89 -50.75 -20.68
C ARG B 814 -30.98 -49.65 -21.74
N GLY B 815 -29.84 -49.20 -22.24
CA GLY B 815 -29.83 -48.27 -23.35
C GLY B 815 -30.41 -46.90 -23.04
N GLY B 816 -30.06 -46.32 -21.89
CA GLY B 816 -30.46 -44.97 -21.58
C GLY B 816 -29.41 -43.97 -22.02
N VAL B 817 -29.20 -42.92 -21.23
CA VAL B 817 -28.11 -41.99 -21.53
C VAL B 817 -26.77 -42.70 -21.40
N TYR B 818 -26.73 -43.83 -20.69
CA TYR B 818 -25.48 -44.56 -20.52
C TYR B 818 -24.94 -45.03 -21.87
N ALA B 819 -25.80 -45.58 -22.71
CA ALA B 819 -25.34 -46.22 -23.93
C ALA B 819 -24.75 -45.21 -24.91
N ASP B 820 -25.49 -44.13 -25.19
CA ASP B 820 -25.04 -43.18 -26.20
C ASP B 820 -23.89 -42.32 -25.69
N MET B 821 -23.86 -42.02 -24.39
CA MET B 821 -22.74 -41.27 -23.84
C MET B 821 -21.47 -42.10 -23.85
N TRP B 822 -21.60 -43.41 -23.62
CA TRP B 822 -20.45 -44.30 -23.75
C TRP B 822 -19.99 -44.39 -25.20
N GLN B 823 -20.92 -44.47 -26.14
CA GLN B 823 -20.54 -44.50 -27.55
C GLN B 823 -19.87 -43.21 -27.97
N LEU B 824 -20.37 -42.06 -27.48
CA LEU B 824 -19.77 -40.79 -27.85
C LEU B 824 -18.37 -40.66 -27.30
N GLN B 825 -18.17 -41.01 -26.02
CA GLN B 825 -16.87 -40.85 -25.39
C GLN B 825 -15.90 -41.98 -25.73
N GLN B 826 -16.38 -43.09 -26.30
CA GLN B 826 -15.49 -44.14 -26.77
C GLN B 826 -15.07 -43.95 -28.22
N GLY B 827 -15.62 -42.96 -28.91
CA GLY B 827 -15.28 -42.72 -30.31
C GLY B 827 -16.03 -41.55 -30.89
#